data_2YJN
#
_entry.id   2YJN
#
_cell.length_a   141.891
_cell.length_b   141.891
_cell.length_c   141.891
_cell.angle_alpha   90.00
_cell.angle_beta   90.00
_cell.angle_gamma   90.00
#
_symmetry.space_group_name_H-M   'P 2 3'
#
loop_
_entity.id
_entity.type
_entity.pdbx_description
1 polymer GLYCOSYLTRANSFERASE
2 polymer 'DTDP-4-KETO-6-DEOXY-HEXOSE 3,4-ISOMERASE'
#
loop_
_entity_poly.entity_id
_entity_poly.type
_entity_poly.pdbx_seq_one_letter_code
_entity_poly.pdbx_strand_id
1 'polypeptide(L)'
;MGSSHHHHHHSSGLVPRGSHMRVVFSSMASKSHLFGLVPLAWAFRAAGHEVRVVASPALTEDITAAGLTAVPVGTDVDLV
DFMTHAGHDIIDYVRSLDFSERDPATLTWEHLLGMQTVLTPTFYALMSPDTLIEGMVSFCRKWRPDLVIWEPLTFAAPIA
AAVTGTPHARLLWGPDITTRARQNFLGLLPDQPEEHREDPLAEWLTWTLEKYGGPAFDEEVVVGQWTIDPAPAAIRLDTG
LKTVGMRYVDYNGPSVVPEWLHDEPERRRVCLTLGISSRENSIGQVSIEELLGAVGDVDAEIIATFDAQQLEGVANIPDN
VRTVGFVPMHALLPTCAATVHHGGPGSWHTAAIHGVPQVILPDGWDTGVRAQRTQEFGAGIALPVPELTPDQLRESVKRV
LDDPAHRAGAARMRDDMLAEPSPAEVVGICEELAAGRREPR
;
A
2 'polypeptide(L)'
;MGSSHHHHHHSSGLVPRGSHMTTTDRAGLGRQLQMIRGLHWGYGSNGDPYPMLLCGHDDDPQRRYRSMRESGVRRSRTET
WVVADHATARQVLDDPAFTRATGRTPEWMRAAGAPPAEWAQPFRDVHAASWEGEVPDVGELAESFAGLLPGAGARLDLVG
DFAWQVPVQGMTAVLGAAGVLRGAAWDARVSLDAQLSPQQLAVTEAAVAALPADPALRALFAGAEMTANTVVDAVLAVSA
EPGLAERIADDPAAAQRTVAEVLRLHPALHLERRTATAEVRLGEHVIGEGEEVVVVVAAANRDPEVFAEPDRLDVDRPDA
DRALSAHRGHPGRLEELVTALATAALRAAAKALPGLTPSGPVVRRRRSPVLRGTNRCPVEL
;
B
#
# COMPACT_ATOMS: atom_id res chain seq x y z
N SER A 19 -10.79 18.15 37.85
CA SER A 19 -10.60 19.43 37.15
C SER A 19 -11.06 19.36 35.69
N HIS A 20 -11.75 20.44 35.26
CA HIS A 20 -12.34 20.68 33.93
C HIS A 20 -11.30 20.61 32.77
N MET A 21 -11.70 19.88 31.71
CA MET A 21 -10.91 19.62 30.50
C MET A 21 -11.67 19.91 29.23
N ARG A 22 -10.89 20.17 28.16
CA ARG A 22 -11.30 20.39 26.79
C ARG A 22 -10.84 19.14 26.02
N VAL A 23 -11.79 18.26 25.68
CA VAL A 23 -11.45 17.00 25.03
C VAL A 23 -11.92 17.04 23.58
N VAL A 24 -11.03 16.62 22.67
CA VAL A 24 -11.34 16.49 21.24
C VAL A 24 -11.38 15.02 20.93
N PHE A 25 -12.39 14.62 20.19
CA PHE A 25 -12.58 13.28 19.67
C PHE A 25 -12.54 13.38 18.19
N SER A 26 -11.69 12.58 17.54
CA SER A 26 -11.65 12.64 16.09
C SER A 26 -11.79 11.26 15.47
N SER A 27 -12.65 11.19 14.46
CA SER A 27 -12.90 10.02 13.63
C SER A 27 -12.87 10.44 12.13
N MET A 28 -12.66 9.45 11.28
CA MET A 28 -12.64 9.65 9.85
C MET A 28 -14.06 9.60 9.44
N ALA A 29 -14.38 10.00 8.23
CA ALA A 29 -15.77 10.17 7.91
C ALA A 29 -16.42 8.84 7.65
N SER A 30 -16.49 8.01 8.67
CA SER A 30 -17.23 6.77 8.58
C SER A 30 -18.14 6.50 9.78
N LYS A 31 -19.41 6.31 9.50
CA LYS A 31 -20.45 5.99 10.49
C LYS A 31 -20.01 4.74 11.22
N SER A 32 -19.40 3.80 10.51
CA SER A 32 -18.87 2.53 11.02
C SER A 32 -17.74 2.72 12.05
N HIS A 33 -17.05 3.89 12.02
CA HIS A 33 -15.90 4.17 12.90
C HIS A 33 -16.19 5.12 14.08
N LEU A 34 -17.01 6.17 13.86
CA LEU A 34 -17.35 7.17 14.88
C LEU A 34 -17.94 6.49 16.11
N PHE A 35 -18.94 5.60 15.90
CA PHE A 35 -19.72 4.84 16.89
C PHE A 35 -18.91 4.27 18.06
N GLY A 36 -17.67 3.88 17.82
CA GLY A 36 -16.81 3.32 18.85
C GLY A 36 -16.29 4.32 19.86
N LEU A 37 -16.47 5.62 19.57
CA LEU A 37 -16.03 6.73 20.41
C LEU A 37 -17.17 7.36 21.16
N VAL A 38 -18.41 7.13 20.69
CA VAL A 38 -19.59 7.83 21.19
C VAL A 38 -19.79 7.70 22.71
N PRO A 39 -19.88 6.49 23.32
CA PRO A 39 -20.13 6.42 24.77
C PRO A 39 -19.04 7.09 25.63
N LEU A 40 -17.75 7.06 25.21
CA LEU A 40 -16.69 7.71 25.97
C LEU A 40 -16.77 9.24 25.81
N ALA A 41 -17.17 9.76 24.62
CA ALA A 41 -17.34 11.22 24.46
C ALA A 41 -18.39 11.76 25.49
N TRP A 42 -19.55 11.06 25.55
CA TRP A 42 -20.66 11.36 26.43
C TRP A 42 -20.26 11.20 27.88
N ALA A 43 -19.35 10.23 28.17
CA ALA A 43 -18.79 9.95 29.50
C ALA A 43 -18.07 11.17 30.04
N PHE A 44 -17.24 11.81 29.19
CA PHE A 44 -16.49 13.01 29.50
C PHE A 44 -17.37 14.24 29.78
N ARG A 45 -18.37 14.45 28.91
CA ARG A 45 -19.32 15.56 29.03
C ARG A 45 -20.26 15.48 30.26
N ALA A 46 -20.55 14.24 30.70
CA ALA A 46 -21.40 13.97 31.88
C ALA A 46 -20.57 14.24 33.09
N ALA A 47 -19.21 14.13 32.96
CA ALA A 47 -18.22 14.44 34.02
C ALA A 47 -18.04 15.97 34.17
N GLY A 48 -18.68 16.71 33.27
CA GLY A 48 -18.68 18.16 33.22
C GLY A 48 -17.61 18.74 32.31
N HIS A 49 -16.96 17.90 31.51
CA HIS A 49 -15.92 18.41 30.61
C HIS A 49 -16.50 18.88 29.26
N GLU A 50 -15.80 19.80 28.57
CA GLU A 50 -16.12 20.33 27.24
C GLU A 50 -15.60 19.31 26.19
N VAL A 51 -16.53 18.72 25.40
CA VAL A 51 -16.26 17.69 24.39
C VAL A 51 -16.73 18.13 23.01
N ARG A 52 -15.81 18.11 22.02
CA ARG A 52 -16.08 18.45 20.62
C ARG A 52 -15.58 17.35 19.70
N VAL A 53 -16.41 16.87 18.78
CA VAL A 53 -16.03 15.83 17.80
C VAL A 53 -15.57 16.49 16.50
N VAL A 54 -14.25 16.60 16.32
CA VAL A 54 -13.67 17.24 15.14
C VAL A 54 -13.49 16.20 14.02
N ALA A 55 -14.21 16.42 12.89
CA ALA A 55 -14.21 15.54 11.73
C ALA A 55 -14.56 16.31 10.44
N SER A 56 -14.54 15.61 9.28
CA SER A 56 -14.89 16.16 7.98
C SER A 56 -16.43 16.42 7.86
N PRO A 57 -16.86 17.48 7.10
CA PRO A 57 -18.31 17.75 6.95
C PRO A 57 -19.26 16.57 6.74
N ALA A 58 -18.80 15.44 6.13
CA ALA A 58 -19.62 14.25 5.87
C ALA A 58 -20.12 13.60 7.17
N LEU A 59 -19.24 13.50 8.18
CA LEU A 59 -19.58 12.84 9.43
C LEU A 59 -20.50 13.69 10.34
N THR A 60 -20.78 14.96 9.99
CA THR A 60 -21.60 15.88 10.81
C THR A 60 -22.99 15.32 11.23
N GLU A 61 -23.82 14.83 10.29
CA GLU A 61 -25.15 14.28 10.62
C GLU A 61 -25.10 13.14 11.67
N ASP A 62 -24.07 12.31 11.58
CA ASP A 62 -23.85 11.16 12.44
C ASP A 62 -23.38 11.57 13.82
N ILE A 63 -22.63 12.68 13.90
CA ILE A 63 -22.15 13.21 15.17
C ILE A 63 -23.35 13.76 15.91
N THR A 64 -24.15 14.62 15.25
CA THR A 64 -25.34 15.23 15.83
C THR A 64 -26.39 14.16 16.16
N ALA A 65 -26.47 13.09 15.37
CA ALA A 65 -27.40 12.00 15.68
C ALA A 65 -26.93 11.17 16.91
N ALA A 66 -25.69 11.40 17.42
CA ALA A 66 -25.15 10.72 18.61
C ALA A 66 -25.31 11.63 19.84
N GLY A 67 -25.99 12.75 19.61
CA GLY A 67 -26.25 13.78 20.61
C GLY A 67 -25.02 14.57 20.96
N LEU A 68 -24.02 14.53 20.06
CA LEU A 68 -22.74 15.20 20.26
C LEU A 68 -22.58 16.46 19.40
N THR A 69 -21.65 17.35 19.83
CA THR A 69 -21.34 18.62 19.19
C THR A 69 -20.31 18.35 18.11
N ALA A 70 -20.62 18.76 16.87
CA ALA A 70 -19.71 18.56 15.75
C ALA A 70 -18.99 19.83 15.43
N VAL A 71 -17.69 19.65 15.15
CA VAL A 71 -16.81 20.72 14.70
C VAL A 71 -16.35 20.25 13.34
N PRO A 72 -17.13 20.55 12.26
CA PRO A 72 -16.72 20.11 10.93
C PRO A 72 -15.60 21.03 10.41
N VAL A 73 -14.43 20.42 10.14
CA VAL A 73 -13.25 21.13 9.67
C VAL A 73 -12.84 20.61 8.32
N GLY A 74 -12.34 21.52 7.49
CA GLY A 74 -11.91 21.23 6.14
C GLY A 74 -13.07 20.93 5.22
N THR A 75 -12.77 20.30 4.08
CA THR A 75 -13.73 19.97 3.04
C THR A 75 -13.81 18.44 2.85
N ASP A 76 -14.88 17.96 2.19
CA ASP A 76 -15.11 16.54 1.92
C ASP A 76 -14.16 15.99 0.84
N VAL A 77 -14.02 14.66 0.78
CA VAL A 77 -13.18 13.93 -0.19
C VAL A 77 -14.11 13.13 -1.14
N ASP A 78 -13.91 13.28 -2.47
CA ASP A 78 -14.71 12.61 -3.48
C ASP A 78 -14.27 11.13 -3.64
N LEU A 79 -14.79 10.25 -2.75
CA LEU A 79 -14.51 8.81 -2.80
C LEU A 79 -15.18 8.18 -4.01
N VAL A 80 -16.46 8.57 -4.31
CA VAL A 80 -17.27 8.03 -5.41
C VAL A 80 -16.49 8.00 -6.72
N ASP A 81 -15.77 9.10 -7.04
CA ASP A 81 -14.96 9.18 -8.26
C ASP A 81 -13.70 8.33 -8.11
N PHE A 82 -12.98 8.47 -6.97
CA PHE A 82 -11.79 7.67 -6.72
C PHE A 82 -12.09 6.17 -6.75
N MET A 83 -13.18 5.73 -6.09
CA MET A 83 -13.54 4.33 -6.02
C MET A 83 -13.93 3.76 -7.36
N THR A 84 -14.76 4.48 -8.16
CA THR A 84 -15.21 4.00 -9.48
C THR A 84 -14.07 3.74 -10.43
N HIS A 85 -13.00 4.56 -10.38
CA HIS A 85 -11.88 4.46 -11.31
C HIS A 85 -10.59 3.85 -10.74
N ALA A 86 -10.25 4.10 -9.45
CA ALA A 86 -8.99 3.59 -8.91
C ALA A 86 -9.17 2.60 -7.75
N GLY A 87 -9.87 3.03 -6.71
CA GLY A 87 -10.04 2.28 -5.46
C GLY A 87 -10.67 0.91 -5.46
N HIS A 88 -11.65 0.64 -6.35
CA HIS A 88 -12.37 -0.64 -6.34
C HIS A 88 -11.43 -1.86 -6.28
N ASP A 89 -10.31 -1.83 -7.04
CA ASP A 89 -9.31 -2.90 -7.07
C ASP A 89 -8.67 -3.14 -5.71
N ILE A 90 -8.58 -2.07 -4.88
CA ILE A 90 -7.96 -2.14 -3.56
C ILE A 90 -8.92 -2.86 -2.57
N ILE A 91 -10.23 -2.85 -2.88
CA ILE A 91 -11.25 -3.58 -2.11
C ILE A 91 -11.00 -5.06 -2.43
N ASP A 92 -10.66 -5.36 -3.71
CA ASP A 92 -10.32 -6.73 -4.14
C ASP A 92 -8.96 -7.17 -3.60
N TYR A 93 -8.05 -6.22 -3.34
CA TYR A 93 -6.71 -6.48 -2.81
C TYR A 93 -6.79 -6.84 -1.34
N VAL A 94 -7.60 -6.09 -0.57
CA VAL A 94 -7.73 -6.26 0.88
C VAL A 94 -8.32 -7.62 1.24
N ARG A 95 -9.41 -8.05 0.58
CA ARG A 95 -10.10 -9.34 0.84
C ARG A 95 -9.16 -10.55 0.70
N SER A 96 -7.97 -10.36 0.09
CA SER A 96 -6.99 -11.42 -0.08
C SER A 96 -6.26 -11.71 1.25
N LEU A 97 -5.65 -10.67 1.89
CA LEU A 97 -4.89 -10.74 3.16
C LEU A 97 -5.63 -11.54 4.27
N ASP A 98 -4.95 -12.51 4.95
CA ASP A 98 -5.54 -13.32 6.04
C ASP A 98 -4.50 -13.61 7.15
N PHE A 99 -4.72 -13.06 8.38
CA PHE A 99 -3.78 -13.21 9.49
C PHE A 99 -4.16 -14.25 10.55
N SER A 100 -5.46 -14.60 10.67
CA SER A 100 -6.05 -15.53 11.66
C SER A 100 -5.31 -16.89 11.80
N GLU A 101 -4.49 -17.29 10.79
CA GLU A 101 -3.77 -18.57 10.78
C GLU A 101 -2.24 -18.44 11.01
N ARG A 102 -1.68 -17.20 10.88
CA ARG A 102 -0.25 -16.90 11.04
C ARG A 102 0.63 -17.84 10.14
N ASP A 103 0.49 -17.71 8.81
CA ASP A 103 1.28 -18.47 7.84
C ASP A 103 2.65 -17.81 7.67
N PRO A 104 3.75 -18.55 7.38
CA PRO A 104 5.06 -17.88 7.21
C PRO A 104 5.13 -17.01 5.95
N ALA A 105 4.29 -17.35 4.96
CA ALA A 105 4.16 -16.69 3.65
C ALA A 105 3.68 -15.24 3.77
N THR A 106 2.83 -14.95 4.76
CA THR A 106 2.27 -13.62 4.99
C THR A 106 3.24 -12.74 5.79
N LEU A 107 4.28 -13.35 6.37
CA LEU A 107 5.23 -12.62 7.21
C LEU A 107 6.53 -12.34 6.46
N THR A 108 6.49 -12.40 5.13
CA THR A 108 7.65 -12.06 4.32
C THR A 108 7.71 -10.57 4.18
N TRP A 109 8.92 -10.02 4.14
CA TRP A 109 9.16 -8.60 3.93
C TRP A 109 8.39 -8.07 2.71
N GLU A 110 8.43 -8.80 1.59
CA GLU A 110 7.76 -8.46 0.34
C GLU A 110 6.27 -8.23 0.56
N HIS A 111 5.62 -9.12 1.33
CA HIS A 111 4.18 -9.08 1.62
C HIS A 111 3.79 -7.91 2.53
N LEU A 112 4.54 -7.75 3.64
CA LEU A 112 4.28 -6.78 4.67
C LEU A 112 4.48 -5.35 4.16
N LEU A 113 5.60 -5.08 3.43
CA LEU A 113 5.88 -3.78 2.82
C LEU A 113 4.77 -3.49 1.79
N GLY A 114 4.24 -4.56 1.18
CA GLY A 114 3.12 -4.50 0.25
C GLY A 114 1.95 -3.78 0.88
N MET A 115 1.45 -4.29 2.03
CA MET A 115 0.34 -3.69 2.82
C MET A 115 0.63 -2.22 3.10
N GLN A 116 1.84 -1.95 3.63
CA GLN A 116 2.33 -0.62 3.97
C GLN A 116 2.35 0.32 2.76
N THR A 117 2.68 -0.20 1.57
CA THR A 117 2.76 0.59 0.35
C THR A 117 1.38 0.89 -0.23
N VAL A 118 0.40 -0.04 -0.13
CA VAL A 118 -0.95 0.10 -0.70
C VAL A 118 -1.91 0.81 0.28
N LEU A 119 -2.01 0.33 1.54
CA LEU A 119 -2.98 0.85 2.51
C LEU A 119 -2.63 2.24 3.01
N THR A 120 -1.34 2.59 3.09
CA THR A 120 -0.93 3.93 3.53
C THR A 120 -1.59 5.04 2.63
N PRO A 121 -1.43 5.03 1.28
CA PRO A 121 -2.08 6.06 0.48
C PRO A 121 -3.56 5.86 0.18
N THR A 122 -3.95 4.61 -0.15
CA THR A 122 -5.29 4.26 -0.60
C THR A 122 -6.29 4.21 0.51
N PHE A 123 -5.84 4.22 1.75
CA PHE A 123 -6.82 4.20 2.80
C PHE A 123 -6.47 5.18 3.92
N TYR A 124 -5.39 4.94 4.72
CA TYR A 124 -5.10 5.84 5.83
C TYR A 124 -5.02 7.28 5.38
N ALA A 125 -4.14 7.59 4.45
CA ALA A 125 -3.98 8.93 3.96
C ALA A 125 -5.13 9.38 3.03
N LEU A 126 -5.98 8.45 2.52
CA LEU A 126 -7.08 8.83 1.62
C LEU A 126 -8.10 9.54 2.44
N MET A 127 -8.34 9.00 3.63
CA MET A 127 -9.08 9.61 4.72
C MET A 127 -8.04 10.58 5.27
N SER A 128 -8.15 11.22 6.45
CA SER A 128 -7.05 12.17 6.81
C SER A 128 -6.52 13.00 5.57
N PRO A 129 -7.35 13.63 4.70
CA PRO A 129 -6.76 14.40 3.60
C PRO A 129 -6.09 15.73 3.94
N ASP A 130 -5.39 16.30 2.95
CA ASP A 130 -4.72 17.61 3.03
C ASP A 130 -5.52 18.57 3.95
N THR A 131 -6.76 18.86 3.51
CA THR A 131 -7.78 19.68 4.15
C THR A 131 -8.16 19.45 5.64
N LEU A 132 -8.35 18.17 6.05
CA LEU A 132 -8.72 17.77 7.39
C LEU A 132 -7.64 18.05 8.38
N ILE A 133 -6.39 17.65 8.03
CA ILE A 133 -5.22 17.83 8.90
C ILE A 133 -5.02 19.33 9.18
N GLU A 134 -5.04 20.21 8.14
CA GLU A 134 -4.87 21.64 8.42
C GLU A 134 -6.07 22.15 9.22
N GLY A 135 -7.24 21.56 9.01
CA GLY A 135 -8.49 21.89 9.69
C GLY A 135 -8.44 21.61 11.18
N MET A 136 -7.90 20.45 11.54
CA MET A 136 -7.73 20.01 12.93
C MET A 136 -6.63 20.77 13.64
N VAL A 137 -5.48 20.97 12.94
CA VAL A 137 -4.34 21.70 13.47
C VAL A 137 -4.79 23.15 13.81
N SER A 138 -5.62 23.76 12.93
CA SER A 138 -6.19 25.08 13.16
C SER A 138 -7.12 25.10 14.41
N PHE A 139 -8.01 24.11 14.55
CA PHE A 139 -8.95 24.07 15.66
C PHE A 139 -8.22 23.85 16.94
N CYS A 140 -7.28 22.92 16.97
CA CYS A 140 -6.54 22.63 18.20
C CYS A 140 -5.72 23.84 18.68
N ARG A 141 -5.08 24.57 17.75
CA ARG A 141 -4.28 25.76 18.05
C ARG A 141 -5.17 26.82 18.68
N LYS A 142 -6.44 26.87 18.26
CA LYS A 142 -7.41 27.85 18.69
C LYS A 142 -8.18 27.40 19.96
N TRP A 143 -8.83 26.23 19.93
CA TRP A 143 -9.62 25.74 21.04
C TRP A 143 -8.79 25.32 22.24
N ARG A 144 -7.50 25.00 22.03
CA ARG A 144 -6.53 24.59 23.06
C ARG A 144 -7.05 23.37 23.91
N PRO A 145 -7.27 22.20 23.26
CA PRO A 145 -7.70 21.02 24.01
C PRO A 145 -6.66 20.50 24.99
N ASP A 146 -7.15 19.78 26.00
CA ASP A 146 -6.33 19.18 27.02
C ASP A 146 -6.05 17.72 26.71
N LEU A 147 -6.84 17.11 25.84
CA LEU A 147 -6.71 15.71 25.46
C LEU A 147 -7.34 15.45 24.10
N VAL A 148 -6.75 14.54 23.32
CA VAL A 148 -7.28 14.16 22.02
C VAL A 148 -7.44 12.67 21.99
N ILE A 149 -8.70 12.19 21.89
CA ILE A 149 -9.02 10.77 21.76
C ILE A 149 -9.47 10.55 20.31
N TRP A 150 -8.82 9.56 19.65
CA TRP A 150 -9.05 9.26 18.24
C TRP A 150 -9.21 7.78 17.94
N GLU A 151 -10.00 7.53 16.88
CA GLU A 151 -10.26 6.27 16.21
C GLU A 151 -8.89 5.82 15.66
N PRO A 152 -8.51 4.53 15.80
CA PRO A 152 -7.14 4.12 15.43
C PRO A 152 -6.62 4.40 14.02
N LEU A 153 -7.46 4.80 13.04
CA LEU A 153 -6.89 5.02 11.70
C LEU A 153 -7.11 6.45 11.17
N THR A 154 -7.38 7.43 12.08
CA THR A 154 -7.56 8.84 11.73
C THR A 154 -6.28 9.59 12.12
N PHE A 155 -5.21 9.45 11.30
CA PHE A 155 -3.88 10.02 11.58
C PHE A 155 -3.83 11.56 11.63
N ALA A 156 -4.92 12.26 11.28
CA ALA A 156 -4.97 13.72 11.36
C ALA A 156 -4.89 14.18 12.83
N ALA A 157 -5.64 13.48 13.70
CA ALA A 157 -5.72 13.78 15.13
C ALA A 157 -4.35 13.68 15.85
N PRO A 158 -3.58 12.56 15.78
CA PRO A 158 -2.27 12.55 16.46
C PRO A 158 -1.33 13.63 15.89
N ILE A 159 -1.42 13.93 14.59
CA ILE A 159 -0.59 14.97 13.99
C ILE A 159 -0.95 16.32 14.65
N ALA A 160 -2.27 16.66 14.69
CA ALA A 160 -2.76 17.87 15.33
C ALA A 160 -2.30 17.88 16.77
N ALA A 161 -2.48 16.74 17.48
CA ALA A 161 -2.07 16.61 18.87
C ALA A 161 -0.54 16.74 19.03
N ALA A 162 0.25 16.25 18.06
CA ALA A 162 1.70 16.36 18.13
C ALA A 162 2.11 17.81 18.01
N VAL A 163 1.64 18.48 16.96
CA VAL A 163 1.90 19.90 16.68
C VAL A 163 1.53 20.81 17.89
N THR A 164 0.37 20.59 18.50
CA THR A 164 -0.16 21.35 19.64
C THR A 164 0.50 20.94 20.97
N GLY A 165 1.14 19.78 20.99
CA GLY A 165 1.74 19.23 22.21
C GLY A 165 0.69 18.69 23.19
N THR A 166 -0.54 18.45 22.70
CA THR A 166 -1.68 17.96 23.47
C THR A 166 -1.58 16.43 23.68
N PRO A 167 -1.79 15.94 24.92
CA PRO A 167 -1.81 14.48 25.13
C PRO A 167 -2.87 13.82 24.24
N HIS A 168 -2.55 12.67 23.67
CA HIS A 168 -3.50 11.96 22.83
C HIS A 168 -3.46 10.47 23.07
N ALA A 169 -4.63 9.81 22.92
CA ALA A 169 -4.82 8.37 23.11
C ALA A 169 -5.75 7.79 22.07
N ARG A 170 -5.48 6.54 21.68
CA ARG A 170 -6.31 5.83 20.73
C ARG A 170 -7.46 5.12 21.42
N LEU A 171 -8.62 5.03 20.76
CA LEU A 171 -9.69 4.22 21.33
C LEU A 171 -10.08 3.12 20.32
N LEU A 172 -9.62 1.90 20.56
CA LEU A 172 -9.89 0.77 19.68
C LEU A 172 -11.35 0.29 19.73
N TRP A 173 -11.76 -0.48 18.71
CA TRP A 173 -13.02 -1.15 18.69
C TRP A 173 -12.62 -2.62 18.43
N GLY A 174 -12.49 -3.03 17.18
CA GLY A 174 -12.02 -4.38 16.93
C GLY A 174 -10.53 -4.63 17.24
N PRO A 175 -9.91 -5.72 16.72
CA PRO A 175 -8.48 -5.95 17.02
C PRO A 175 -7.53 -4.93 16.39
N ASP A 176 -6.34 -4.78 17.00
CA ASP A 176 -5.32 -3.84 16.56
C ASP A 176 -4.38 -4.51 15.56
N ILE A 177 -4.98 -5.04 14.48
CA ILE A 177 -4.34 -5.78 13.40
C ILE A 177 -3.31 -4.93 12.64
N THR A 178 -3.61 -3.63 12.41
CA THR A 178 -2.69 -2.72 11.73
C THR A 178 -1.42 -2.55 12.55
N THR A 179 -1.58 -2.38 13.90
CA THR A 179 -0.44 -2.24 14.82
C THR A 179 0.44 -3.49 14.74
N ARG A 180 -0.18 -4.69 14.74
CA ARG A 180 0.56 -5.96 14.71
C ARG A 180 1.27 -6.11 13.37
N ALA A 181 0.57 -5.77 12.26
CA ALA A 181 1.16 -5.80 10.92
C ALA A 181 2.34 -4.83 10.84
N ARG A 182 2.20 -3.64 11.44
CA ARG A 182 3.25 -2.63 11.41
C ARG A 182 4.46 -3.08 12.22
N GLN A 183 4.24 -3.59 13.45
CA GLN A 183 5.30 -4.04 14.35
C GLN A 183 6.17 -5.11 13.69
N ASN A 184 5.54 -5.96 12.85
CA ASN A 184 6.19 -7.01 12.08
C ASN A 184 6.99 -6.42 10.93
N PHE A 185 6.42 -5.41 10.26
CA PHE A 185 7.04 -4.75 9.12
C PHE A 185 8.34 -4.09 9.55
N LEU A 186 8.25 -3.31 10.69
CA LEU A 186 9.41 -2.63 11.27
C LEU A 186 10.45 -3.66 11.74
N GLY A 187 9.95 -4.80 12.20
CA GLY A 187 10.76 -5.92 12.67
C GLY A 187 11.64 -6.51 11.62
N LEU A 188 11.29 -6.29 10.33
CA LEU A 188 12.08 -6.84 9.21
C LEU A 188 12.98 -5.82 8.56
N LEU A 189 12.67 -4.51 8.75
CA LEU A 189 13.44 -3.39 8.22
C LEU A 189 15.00 -3.59 8.42
N PRO A 190 15.48 -3.99 9.64
CA PRO A 190 16.93 -4.17 9.84
C PRO A 190 17.60 -5.24 8.99
N ASP A 191 16.87 -6.31 8.59
CA ASP A 191 17.41 -7.40 7.75
C ASP A 191 17.72 -6.91 6.35
N GLN A 192 16.92 -5.95 5.86
CA GLN A 192 17.04 -5.35 4.53
C GLN A 192 18.22 -4.36 4.48
N PRO A 193 18.95 -4.25 3.33
CA PRO A 193 20.02 -3.25 3.23
C PRO A 193 19.49 -1.80 3.31
N GLU A 194 20.32 -0.91 3.85
CA GLU A 194 20.06 0.51 4.05
C GLU A 194 19.31 1.17 2.88
N GLU A 195 19.66 0.82 1.64
CA GLU A 195 19.04 1.37 0.43
C GLU A 195 17.65 0.74 0.18
N HIS A 196 17.49 -0.57 0.48
CA HIS A 196 16.22 -1.28 0.28
C HIS A 196 15.18 -0.94 1.38
N ARG A 197 15.57 -0.14 2.41
CA ARG A 197 14.65 0.27 3.47
C ARG A 197 13.68 1.35 2.96
N GLU A 198 12.45 1.31 3.50
CA GLU A 198 11.31 2.18 3.15
C GLU A 198 10.31 2.16 4.29
N ASP A 199 9.51 3.23 4.48
CA ASP A 199 8.43 3.29 5.49
C ASP A 199 7.38 4.35 5.06
N PRO A 200 6.47 3.95 4.14
CA PRO A 200 5.45 4.89 3.62
C PRO A 200 4.69 5.68 4.69
N LEU A 201 4.19 5.00 5.74
CA LEU A 201 3.44 5.69 6.79
C LEU A 201 4.35 6.71 7.51
N ALA A 202 5.62 6.35 7.83
CA ALA A 202 6.53 7.28 8.48
C ALA A 202 6.89 8.43 7.53
N GLU A 203 7.24 8.12 6.26
CA GLU A 203 7.57 9.14 5.25
C GLU A 203 6.40 10.16 5.20
N TRP A 204 5.12 9.70 5.09
CA TRP A 204 3.95 10.56 5.01
C TRP A 204 3.78 11.44 6.26
N LEU A 205 3.70 10.84 7.44
CA LEU A 205 3.55 11.54 8.71
C LEU A 205 4.72 12.50 8.98
N THR A 206 5.95 12.14 8.59
CA THR A 206 7.15 12.97 8.76
C THR A 206 7.03 14.23 7.92
N TRP A 207 6.73 14.09 6.63
CA TRP A 207 6.61 15.26 5.77
C TRP A 207 5.34 16.10 6.06
N THR A 208 4.39 15.55 6.88
CA THR A 208 3.15 16.17 7.31
C THR A 208 3.46 17.01 8.54
N LEU A 209 4.24 16.42 9.47
CA LEU A 209 4.67 17.09 10.70
C LEU A 209 5.52 18.30 10.34
N GLU A 210 6.29 18.21 9.26
CA GLU A 210 7.12 19.31 8.81
C GLU A 210 6.27 20.49 8.29
N LYS A 211 5.12 20.20 7.66
CA LYS A 211 4.20 21.20 7.08
C LYS A 211 3.62 22.14 8.15
N TYR A 212 3.50 21.66 9.41
CA TYR A 212 2.98 22.44 10.53
C TYR A 212 4.12 22.75 11.53
N GLY A 213 5.34 22.49 11.09
CA GLY A 213 6.56 22.70 11.86
C GLY A 213 6.71 21.85 13.10
N GLY A 214 5.75 20.94 13.30
CA GLY A 214 5.60 20.01 14.44
C GLY A 214 6.82 19.23 14.85
N PRO A 215 6.72 18.40 15.91
CA PRO A 215 7.90 17.65 16.39
C PRO A 215 8.41 16.61 15.40
N ALA A 216 9.56 16.03 15.73
CA ALA A 216 10.17 14.96 14.96
C ALA A 216 9.23 13.73 14.98
N PHE A 217 9.38 12.83 14.02
CA PHE A 217 8.53 11.65 13.94
C PHE A 217 8.83 10.68 15.08
N ASP A 218 7.75 10.13 15.65
CA ASP A 218 7.76 9.19 16.75
C ASP A 218 6.67 8.17 16.51
N GLU A 219 6.91 6.89 16.86
CA GLU A 219 5.88 5.85 16.68
C GLU A 219 4.62 6.19 17.47
N GLU A 220 4.75 7.15 18.41
CA GLU A 220 3.72 7.74 19.26
C GLU A 220 2.64 8.43 18.41
N VAL A 221 2.94 8.81 17.16
CA VAL A 221 1.98 9.43 16.24
C VAL A 221 1.15 8.30 15.56
N VAL A 222 1.68 7.08 15.47
CA VAL A 222 1.03 5.93 14.81
C VAL A 222 0.10 5.22 15.83
N VAL A 223 0.67 4.79 16.98
CA VAL A 223 -0.07 4.25 18.13
C VAL A 223 -0.28 5.49 19.02
N GLY A 224 -1.02 5.43 20.10
CA GLY A 224 -1.15 6.69 20.85
C GLY A 224 -0.11 6.86 21.93
N GLN A 225 -0.40 7.65 22.96
CA GLN A 225 0.46 7.76 24.14
C GLN A 225 0.02 6.65 25.11
N TRP A 226 -1.23 6.23 24.94
CA TRP A 226 -1.91 5.11 25.54
C TRP A 226 -3.11 4.73 24.62
N THR A 227 -3.67 3.55 24.87
CA THR A 227 -4.72 2.98 24.05
C THR A 227 -5.77 2.48 24.97
N ILE A 228 -7.06 2.68 24.63
CA ILE A 228 -8.24 2.21 25.37
C ILE A 228 -8.89 1.10 24.51
N ASP A 229 -9.07 -0.09 25.09
CA ASP A 229 -9.67 -1.23 24.40
C ASP A 229 -10.85 -1.84 25.21
N PRO A 230 -12.09 -1.80 24.66
CA PRO A 230 -13.22 -2.43 25.36
C PRO A 230 -13.24 -3.98 25.26
N ALA A 231 -12.19 -4.60 24.69
CA ALA A 231 -12.09 -6.05 24.50
C ALA A 231 -11.42 -6.73 25.70
N PRO A 232 -11.89 -7.93 26.15
CA PRO A 232 -11.26 -8.61 27.30
C PRO A 232 -9.79 -8.88 27.05
N ALA A 233 -8.97 -8.69 28.10
CA ALA A 233 -7.51 -8.82 28.10
C ALA A 233 -7.01 -10.01 27.27
N ALA A 234 -7.62 -11.21 27.44
CA ALA A 234 -7.21 -12.44 26.77
C ALA A 234 -7.37 -12.43 25.23
N ILE A 235 -8.35 -11.67 24.66
CA ILE A 235 -8.53 -11.68 23.20
C ILE A 235 -7.79 -10.46 22.54
N ARG A 236 -7.05 -9.70 23.33
CA ARG A 236 -6.26 -8.59 22.80
C ARG A 236 -4.93 -9.11 22.25
N LEU A 237 -4.45 -8.55 21.12
CA LEU A 237 -3.16 -8.92 20.50
C LEU A 237 -2.00 -8.35 21.35
N ASP A 238 -0.86 -9.06 21.38
CA ASP A 238 0.33 -8.60 22.13
C ASP A 238 1.11 -7.59 21.31
N THR A 239 1.05 -6.31 21.73
CA THR A 239 1.71 -5.15 21.10
C THR A 239 2.64 -4.42 22.11
N GLY A 240 2.37 -4.57 23.40
CA GLY A 240 3.15 -3.97 24.47
C GLY A 240 2.77 -2.55 24.85
N LEU A 241 1.87 -1.96 24.05
CA LEU A 241 1.36 -0.60 24.21
C LEU A 241 0.55 -0.38 25.53
N LYS A 242 0.69 0.81 26.16
CA LYS A 242 0.02 1.18 27.42
C LYS A 242 -1.47 1.04 27.23
N THR A 243 -2.06 0.00 27.81
CA THR A 243 -3.47 -0.21 27.61
C THR A 243 -4.34 0.14 28.81
N VAL A 244 -5.43 0.80 28.54
CA VAL A 244 -6.44 1.08 29.53
C VAL A 244 -7.66 0.28 29.11
N GLY A 245 -7.94 -0.81 29.82
CA GLY A 245 -9.13 -1.59 29.54
C GLY A 245 -10.37 -0.81 29.95
N MET A 246 -11.48 -1.05 29.27
CA MET A 246 -12.72 -0.32 29.53
C MET A 246 -13.93 -1.22 29.41
N ARG A 247 -14.89 -1.11 30.34
CA ARG A 247 -16.13 -1.87 30.20
C ARG A 247 -16.89 -1.28 28.99
N TYR A 248 -17.20 -2.16 28.01
CA TYR A 248 -17.91 -1.83 26.78
C TYR A 248 -19.34 -1.41 27.03
N VAL A 249 -19.76 -0.30 26.40
CA VAL A 249 -21.14 0.15 26.43
C VAL A 249 -21.50 0.44 24.95
N ASP A 250 -22.48 -0.29 24.39
CA ASP A 250 -22.89 -0.24 22.98
C ASP A 250 -23.52 1.08 22.61
N TYR A 251 -23.20 1.51 21.39
CA TYR A 251 -23.73 2.59 20.56
C TYR A 251 -23.74 2.09 19.12
N ASN A 252 -24.90 2.12 18.46
CA ASN A 252 -24.94 1.73 17.05
C ASN A 252 -25.94 2.56 16.25
N GLY A 253 -25.93 3.86 16.49
CA GLY A 253 -26.79 4.78 15.78
C GLY A 253 -28.17 4.89 16.39
N PRO A 254 -29.19 5.23 15.55
CA PRO A 254 -30.56 5.39 16.08
C PRO A 254 -31.17 4.02 16.45
N SER A 255 -31.40 3.80 17.77
CA SER A 255 -31.97 2.55 18.26
C SER A 255 -33.42 2.76 18.73
N VAL A 256 -34.33 1.97 18.19
CA VAL A 256 -35.72 2.08 18.62
C VAL A 256 -36.17 0.66 19.01
N VAL A 257 -36.66 0.49 20.25
CA VAL A 257 -37.08 -0.82 20.70
C VAL A 257 -38.49 -1.12 20.19
N PRO A 258 -38.71 -2.25 19.51
CA PRO A 258 -40.07 -2.58 19.10
C PRO A 258 -40.84 -3.19 20.28
N GLU A 259 -42.18 -3.11 20.23
CA GLU A 259 -43.09 -3.58 21.28
C GLU A 259 -42.91 -5.08 21.54
N TRP A 260 -42.58 -5.86 20.49
CA TRP A 260 -42.35 -7.31 20.61
C TRP A 260 -41.13 -7.67 21.48
N LEU A 261 -40.15 -6.75 21.61
CA LEU A 261 -38.95 -7.02 22.38
C LEU A 261 -39.11 -6.60 23.85
N HIS A 262 -40.35 -6.40 24.31
CA HIS A 262 -40.54 -5.99 25.71
C HIS A 262 -40.63 -7.31 26.48
N ASP A 263 -41.45 -8.23 25.99
CA ASP A 263 -41.58 -9.56 26.63
C ASP A 263 -40.43 -10.50 26.72
N GLU A 264 -40.32 -11.24 27.85
CA GLU A 264 -39.27 -12.21 28.16
C GLU A 264 -39.61 -13.28 27.12
N PRO A 265 -38.60 -13.87 26.41
CA PRO A 265 -38.93 -14.91 25.40
C PRO A 265 -39.59 -16.17 26.00
N GLU A 266 -40.30 -16.92 25.13
CA GLU A 266 -40.96 -18.17 25.53
C GLU A 266 -39.94 -19.28 25.50
N ARG A 267 -39.63 -19.80 24.30
CA ARG A 267 -38.61 -20.81 24.06
C ARG A 267 -37.24 -20.12 23.96
N ARG A 268 -36.14 -20.91 23.98
CA ARG A 268 -34.78 -20.34 23.86
C ARG A 268 -34.62 -19.67 22.47
N ARG A 269 -33.80 -18.62 22.44
CA ARG A 269 -33.61 -17.72 21.31
C ARG A 269 -32.19 -17.68 20.78
N VAL A 270 -32.08 -17.65 19.45
CA VAL A 270 -30.83 -17.52 18.69
C VAL A 270 -31.07 -16.38 17.73
N CYS A 271 -30.27 -15.34 17.76
CA CYS A 271 -30.54 -14.32 16.79
C CYS A 271 -29.49 -14.29 15.69
N LEU A 272 -29.97 -14.30 14.43
CA LEU A 272 -29.14 -14.29 13.24
C LEU A 272 -29.07 -12.90 12.58
N THR A 273 -27.82 -12.38 12.42
CA THR A 273 -27.53 -11.05 11.87
C THR A 273 -26.61 -11.15 10.62
N LEU A 274 -27.23 -11.04 9.40
CA LEU A 274 -26.61 -11.10 8.07
C LEU A 274 -25.77 -12.37 7.83
N GLN A 285 -23.27 -14.39 1.91
CA GLN A 285 -22.39 -15.55 1.92
C GLN A 285 -22.27 -16.12 0.50
N VAL A 286 -22.32 -17.47 0.37
CA VAL A 286 -22.33 -18.25 -0.90
C VAL A 286 -23.47 -19.31 -0.77
N SER A 287 -24.27 -19.18 0.32
CA SER A 287 -25.38 -20.06 0.73
C SER A 287 -26.76 -19.60 0.19
N ILE A 288 -26.77 -18.52 -0.63
CA ILE A 288 -27.93 -17.90 -1.30
C ILE A 288 -29.02 -17.46 -0.28
N GLU A 289 -28.59 -17.11 0.98
CA GLU A 289 -29.42 -16.67 2.12
C GLU A 289 -30.52 -17.71 2.45
N GLU A 290 -30.55 -18.84 1.71
CA GLU A 290 -31.45 -20.00 1.86
C GLU A 290 -31.01 -20.83 3.08
N LEU A 291 -29.97 -20.32 3.79
CA LEU A 291 -29.34 -20.84 5.00
C LEU A 291 -30.28 -20.74 6.19
N LEU A 292 -31.32 -19.89 6.08
CA LEU A 292 -32.36 -19.71 7.09
C LEU A 292 -33.04 -21.06 7.43
N GLY A 293 -33.22 -21.92 6.41
CA GLY A 293 -33.74 -23.28 6.56
C GLY A 293 -32.82 -24.18 7.36
N ALA A 294 -31.50 -23.93 7.29
CA ALA A 294 -30.47 -24.67 8.04
C ALA A 294 -30.56 -24.34 9.54
N VAL A 295 -30.70 -23.04 9.90
CA VAL A 295 -30.87 -22.60 11.29
C VAL A 295 -32.32 -22.94 11.76
N GLY A 296 -33.20 -23.22 10.81
CA GLY A 296 -34.58 -23.59 11.12
C GLY A 296 -34.70 -25.01 11.66
N ASP A 297 -33.71 -25.88 11.32
CA ASP A 297 -33.65 -27.27 11.80
C ASP A 297 -33.13 -27.31 13.27
N VAL A 298 -32.78 -26.14 13.83
CA VAL A 298 -32.34 -25.94 15.21
C VAL A 298 -33.59 -25.83 16.08
N ASP A 299 -33.55 -26.43 17.30
CA ASP A 299 -34.63 -26.41 18.29
C ASP A 299 -34.57 -25.12 19.11
N ALA A 300 -35.01 -23.99 18.49
CA ALA A 300 -35.03 -22.64 19.08
C ALA A 300 -35.76 -21.61 18.21
N GLU A 301 -36.21 -20.51 18.83
CA GLU A 301 -36.81 -19.35 18.19
C GLU A 301 -35.68 -18.57 17.52
N ILE A 302 -35.76 -18.35 16.20
CA ILE A 302 -34.70 -17.63 15.51
C ILE A 302 -35.16 -16.20 15.22
N ILE A 303 -34.31 -15.20 15.51
CA ILE A 303 -34.63 -13.80 15.24
C ILE A 303 -33.65 -13.33 14.17
N ALA A 304 -34.15 -13.17 12.94
CA ALA A 304 -33.37 -12.75 11.79
C ALA A 304 -33.49 -11.26 11.62
N THR A 305 -32.35 -10.58 11.53
CA THR A 305 -32.25 -9.12 11.41
C THR A 305 -32.52 -8.68 9.95
N PHE A 306 -33.20 -9.50 9.15
CA PHE A 306 -33.46 -9.17 7.75
C PHE A 306 -34.79 -8.46 7.59
N ASP A 307 -34.81 -7.46 6.68
CA ASP A 307 -35.99 -6.69 6.31
C ASP A 307 -36.86 -7.51 5.33
N ALA A 308 -38.11 -7.08 5.08
CA ALA A 308 -39.02 -7.76 4.13
C ALA A 308 -38.48 -7.67 2.69
N GLN A 309 -37.62 -6.65 2.44
CA GLN A 309 -36.94 -6.39 1.18
C GLN A 309 -35.84 -7.43 0.94
N GLN A 310 -34.97 -7.64 1.97
CA GLN A 310 -33.83 -8.57 1.96
C GLN A 310 -34.26 -10.05 1.79
N LEU A 311 -35.49 -10.39 2.23
CA LEU A 311 -36.06 -11.73 2.16
C LEU A 311 -37.27 -11.81 1.20
N GLU A 312 -37.22 -11.08 0.08
CA GLU A 312 -38.27 -11.03 -0.95
C GLU A 312 -38.34 -12.35 -1.77
N GLY A 313 -37.22 -13.07 -1.86
CA GLY A 313 -37.09 -14.32 -2.59
C GLY A 313 -37.31 -15.59 -1.78
N VAL A 314 -37.02 -15.55 -0.45
CA VAL A 314 -37.19 -16.67 0.48
C VAL A 314 -38.70 -17.01 0.60
N ALA A 315 -39.07 -18.27 0.28
CA ALA A 315 -40.47 -18.70 0.30
C ALA A 315 -40.77 -19.89 1.24
N ASN A 316 -39.77 -20.73 1.57
CA ASN A 316 -39.98 -21.90 2.44
C ASN A 316 -39.09 -21.91 3.70
N ILE A 317 -38.07 -21.02 3.74
CA ILE A 317 -37.09 -20.89 4.82
C ILE A 317 -37.71 -20.61 6.22
N PRO A 318 -38.76 -19.74 6.38
CA PRO A 318 -39.26 -19.50 7.74
C PRO A 318 -40.16 -20.61 8.27
N ASP A 319 -40.03 -20.94 9.59
CA ASP A 319 -40.86 -21.92 10.32
C ASP A 319 -40.88 -21.60 11.82
N ASN A 320 -39.68 -21.42 12.40
CA ASN A 320 -39.43 -21.04 13.79
C ASN A 320 -38.75 -19.67 13.77
N VAL A 321 -38.50 -19.19 12.53
CA VAL A 321 -37.82 -17.97 12.15
C VAL A 321 -38.76 -16.76 12.22
N ARG A 322 -38.22 -15.65 12.73
CA ARG A 322 -38.83 -14.33 12.85
C ARG A 322 -37.92 -13.30 12.16
N THR A 323 -38.47 -12.54 11.19
CA THR A 323 -37.75 -11.50 10.46
C THR A 323 -38.21 -10.15 11.02
N VAL A 324 -37.30 -9.37 11.63
CA VAL A 324 -37.73 -8.10 12.24
C VAL A 324 -36.95 -6.83 11.81
N GLY A 325 -36.07 -6.96 10.82
CA GLY A 325 -35.27 -5.84 10.33
C GLY A 325 -34.22 -5.45 11.35
N PHE A 326 -33.64 -4.24 11.19
CA PHE A 326 -32.60 -3.78 12.11
CA PHE A 326 -32.61 -3.69 12.09
C PHE A 326 -33.25 -3.33 13.43
N VAL A 327 -32.79 -3.95 14.53
CA VAL A 327 -33.30 -3.71 15.88
C VAL A 327 -32.10 -3.43 16.82
N PRO A 328 -32.27 -2.89 18.06
CA PRO A 328 -31.09 -2.64 18.93
C PRO A 328 -30.47 -3.94 19.44
N MET A 329 -29.17 -4.18 19.14
CA MET A 329 -28.54 -5.41 19.59
CA MET A 329 -28.43 -5.37 19.57
C MET A 329 -28.40 -5.42 21.11
N HIS A 330 -28.09 -4.25 21.73
CA HIS A 330 -27.98 -4.11 23.19
C HIS A 330 -29.32 -4.36 23.93
N ALA A 331 -30.41 -4.51 23.18
CA ALA A 331 -31.71 -4.82 23.73
C ALA A 331 -32.13 -6.25 23.37
N LEU A 332 -31.60 -6.81 22.25
CA LEU A 332 -31.93 -8.16 21.77
C LEU A 332 -30.99 -9.24 22.37
N LEU A 333 -29.67 -9.00 22.31
CA LEU A 333 -28.65 -9.93 22.81
C LEU A 333 -28.87 -10.30 24.28
N PRO A 334 -29.25 -9.39 25.22
CA PRO A 334 -29.55 -9.85 26.59
C PRO A 334 -30.60 -10.99 26.68
N THR A 335 -31.40 -11.24 25.59
CA THR A 335 -32.46 -12.27 25.56
C THR A 335 -32.10 -13.51 24.74
N CYS A 336 -30.85 -13.63 24.28
CA CYS A 336 -30.43 -14.75 23.44
C CYS A 336 -29.49 -15.73 24.14
N ALA A 337 -29.79 -17.02 23.95
CA ALA A 337 -28.99 -18.16 24.39
C ALA A 337 -27.73 -18.27 23.52
N ALA A 338 -27.82 -17.85 22.23
CA ALA A 338 -26.70 -17.83 21.27
C ALA A 338 -26.92 -16.74 20.21
N THR A 339 -25.87 -16.49 19.38
CA THR A 339 -25.88 -15.49 18.30
C THR A 339 -25.02 -15.91 17.08
N VAL A 340 -25.52 -15.58 15.87
CA VAL A 340 -24.88 -15.81 14.56
C VAL A 340 -24.72 -14.44 13.92
N HIS A 341 -23.46 -13.99 13.69
CA HIS A 341 -23.20 -12.67 13.06
C HIS A 341 -21.89 -12.65 12.22
N HIS A 342 -21.75 -11.57 11.45
CA HIS A 342 -20.67 -11.25 10.52
CA HIS A 342 -20.64 -11.38 10.53
C HIS A 342 -19.30 -11.05 11.21
N GLY A 343 -19.29 -10.85 12.52
CA GLY A 343 -18.06 -10.60 13.24
C GLY A 343 -17.70 -9.15 13.53
N GLY A 344 -18.61 -8.24 13.16
CA GLY A 344 -18.51 -6.80 13.39
C GLY A 344 -18.30 -6.46 14.87
N PRO A 345 -17.59 -5.33 15.18
CA PRO A 345 -17.30 -5.00 16.61
C PRO A 345 -18.55 -4.86 17.48
N GLY A 346 -19.57 -4.16 16.99
CA GLY A 346 -20.81 -3.95 17.71
C GLY A 346 -21.47 -5.24 18.14
N SER A 347 -21.57 -6.19 17.20
CA SER A 347 -22.15 -7.52 17.45
C SER A 347 -21.21 -8.33 18.38
N TRP A 348 -19.91 -8.38 18.07
CA TRP A 348 -18.94 -9.08 18.88
C TRP A 348 -18.98 -8.57 20.33
N HIS A 349 -18.65 -7.28 20.53
CA HIS A 349 -18.56 -6.71 21.85
C HIS A 349 -19.87 -6.83 22.66
N THR A 350 -21.03 -6.53 22.03
CA THR A 350 -22.32 -6.58 22.72
C THR A 350 -22.59 -8.04 23.18
N ALA A 351 -22.45 -9.00 22.28
CA ALA A 351 -22.63 -10.39 22.67
C ALA A 351 -21.64 -10.80 23.78
N ALA A 352 -20.36 -10.39 23.63
CA ALA A 352 -19.29 -10.75 24.57
C ALA A 352 -19.62 -10.32 26.03
N ILE A 353 -20.06 -9.06 26.25
CA ILE A 353 -20.43 -8.45 27.54
C ILE A 353 -21.68 -9.11 28.12
N HIS A 354 -22.49 -9.75 27.27
CA HIS A 354 -23.71 -10.39 27.72
C HIS A 354 -23.53 -11.91 27.92
N GLY A 355 -22.29 -12.39 27.77
CA GLY A 355 -21.94 -13.80 27.90
C GLY A 355 -22.67 -14.70 26.92
N VAL A 356 -23.10 -14.12 25.78
CA VAL A 356 -23.84 -14.82 24.72
C VAL A 356 -22.87 -15.54 23.75
N PRO A 357 -22.88 -16.93 23.72
CA PRO A 357 -22.03 -17.68 22.78
C PRO A 357 -22.21 -17.25 21.32
N GLN A 358 -21.12 -17.22 20.56
CA GLN A 358 -21.15 -16.71 19.20
C GLN A 358 -20.76 -17.69 18.08
N VAL A 359 -21.41 -17.51 16.94
CA VAL A 359 -21.10 -18.24 15.72
C VAL A 359 -20.78 -17.17 14.70
N ILE A 360 -19.49 -16.84 14.58
CA ILE A 360 -19.08 -15.77 13.69
C ILE A 360 -18.89 -16.22 12.26
N LEU A 361 -19.48 -15.47 11.31
CA LEU A 361 -19.32 -15.67 9.86
C LEU A 361 -18.45 -14.59 9.17
N PRO A 362 -17.11 -14.65 9.43
CA PRO A 362 -16.21 -13.57 8.94
C PRO A 362 -15.93 -13.53 7.43
N ASP A 363 -15.59 -12.32 6.95
CA ASP A 363 -15.29 -12.00 5.55
CA ASP A 363 -15.24 -12.06 5.55
C ASP A 363 -14.12 -11.00 5.43
N GLY A 364 -13.76 -10.37 6.55
CA GLY A 364 -12.69 -9.37 6.64
C GLY A 364 -11.46 -9.85 7.40
N TRP A 365 -10.32 -9.14 7.23
CA TRP A 365 -9.05 -9.45 7.89
C TRP A 365 -9.24 -9.25 9.40
N ASP A 366 -9.87 -8.13 9.76
CA ASP A 366 -10.18 -7.73 11.13
C ASP A 366 -11.14 -8.72 11.81
N THR A 367 -12.14 -9.24 11.07
CA THR A 367 -13.13 -10.14 11.66
C THR A 367 -12.58 -11.58 11.86
N GLY A 368 -11.91 -12.14 10.84
CA GLY A 368 -11.28 -13.45 10.93
C GLY A 368 -10.36 -13.58 12.13
N VAL A 369 -9.37 -12.65 12.27
CA VAL A 369 -8.41 -12.62 13.37
C VAL A 369 -9.16 -12.74 14.72
N ARG A 370 -10.16 -11.86 14.95
CA ARG A 370 -10.93 -11.87 16.19
C ARG A 370 -11.78 -13.14 16.33
N ALA A 371 -12.45 -13.58 15.23
CA ALA A 371 -13.26 -14.81 15.21
C ALA A 371 -12.40 -16.03 15.66
N GLN A 372 -11.12 -16.05 15.20
CA GLN A 372 -10.18 -17.10 15.56
C GLN A 372 -9.83 -16.99 17.04
N ARG A 373 -9.52 -15.77 17.55
CA ARG A 373 -9.18 -15.56 18.97
C ARG A 373 -10.29 -16.05 19.90
N THR A 374 -11.57 -15.67 19.61
CA THR A 374 -12.75 -16.02 20.43
C THR A 374 -13.05 -17.54 20.38
N GLN A 375 -12.78 -18.22 19.24
CA GLN A 375 -12.98 -19.68 19.12
C GLN A 375 -11.91 -20.43 20.00
N GLU A 376 -10.63 -19.96 19.97
CA GLU A 376 -9.50 -20.48 20.74
C GLU A 376 -9.78 -20.45 22.24
N PHE A 377 -10.53 -19.42 22.68
CA PHE A 377 -10.89 -19.18 24.08
C PHE A 377 -12.10 -20.04 24.45
N GLY A 378 -12.86 -20.45 23.44
CA GLY A 378 -14.02 -21.31 23.62
C GLY A 378 -15.30 -20.55 23.89
N ALA A 379 -15.38 -19.32 23.42
CA ALA A 379 -16.58 -18.54 23.58
C ALA A 379 -17.44 -18.65 22.32
N GLY A 380 -17.09 -19.56 21.42
CA GLY A 380 -17.83 -19.77 20.19
C GLY A 380 -17.16 -20.53 19.06
N ILE A 381 -17.70 -20.35 17.85
CA ILE A 381 -17.25 -21.00 16.62
C ILE A 381 -16.97 -19.95 15.54
N ALA A 382 -15.88 -20.14 14.80
CA ALA A 382 -15.49 -19.27 13.71
C ALA A 382 -15.70 -20.03 12.40
N LEU A 383 -16.63 -19.53 11.59
CA LEU A 383 -16.96 -20.16 10.33
C LEU A 383 -16.63 -19.25 9.14
N PRO A 384 -15.36 -19.28 8.59
CA PRO A 384 -15.04 -18.42 7.43
C PRO A 384 -16.06 -18.58 6.31
N VAL A 385 -16.52 -17.45 5.75
CA VAL A 385 -17.56 -17.42 4.74
C VAL A 385 -17.08 -18.06 3.40
N PRO A 386 -15.80 -17.99 2.95
CA PRO A 386 -15.47 -18.67 1.68
C PRO A 386 -15.64 -20.19 1.80
N GLU A 387 -15.26 -20.75 2.96
CA GLU A 387 -15.33 -22.19 3.25
C GLU A 387 -16.72 -22.65 3.75
N LEU A 388 -17.59 -21.70 4.19
CA LEU A 388 -18.92 -21.90 4.77
C LEU A 388 -19.83 -22.86 3.99
N THR A 389 -20.47 -23.77 4.76
CA THR A 389 -21.43 -24.79 4.31
C THR A 389 -22.69 -24.74 5.19
N PRO A 390 -23.93 -24.91 4.63
CA PRO A 390 -25.15 -24.90 5.48
C PRO A 390 -25.15 -25.97 6.57
N ASP A 391 -24.45 -27.12 6.34
CA ASP A 391 -24.30 -28.20 7.32
C ASP A 391 -23.50 -27.69 8.53
N GLN A 392 -22.40 -26.92 8.27
CA GLN A 392 -21.53 -26.30 9.28
C GLN A 392 -22.28 -25.40 10.24
N LEU A 393 -23.18 -24.56 9.70
CA LEU A 393 -24.02 -23.62 10.47
C LEU A 393 -25.00 -24.33 11.39
N ARG A 394 -25.79 -25.30 10.85
CA ARG A 394 -26.78 -26.07 11.60
C ARG A 394 -26.06 -26.78 12.75
N GLU A 395 -24.89 -27.39 12.47
CA GLU A 395 -24.09 -28.08 13.48
C GLU A 395 -23.54 -27.09 14.50
N SER A 396 -23.00 -25.95 14.04
CA SER A 396 -22.44 -24.93 14.91
C SER A 396 -23.49 -24.32 15.82
N VAL A 397 -24.69 -23.98 15.30
CA VAL A 397 -25.77 -23.42 16.14
C VAL A 397 -26.18 -24.45 17.19
N LYS A 398 -26.26 -25.75 16.80
CA LYS A 398 -26.61 -26.87 17.67
C LYS A 398 -25.54 -27.06 18.76
N ARG A 399 -24.26 -26.84 18.39
CA ARG A 399 -23.10 -27.00 19.27
C ARG A 399 -23.10 -25.97 20.40
N VAL A 400 -23.29 -24.67 20.08
CA VAL A 400 -23.29 -23.59 21.10
C VAL A 400 -24.48 -23.74 22.07
N LEU A 401 -25.67 -24.09 21.55
CA LEU A 401 -26.88 -24.30 22.36
C LEU A 401 -26.78 -25.49 23.31
N ASP A 402 -26.13 -26.60 22.90
CA ASP A 402 -26.08 -27.83 23.69
C ASP A 402 -24.82 -28.02 24.54
N ASP A 403 -23.63 -27.67 24.05
CA ASP A 403 -22.38 -27.83 24.83
C ASP A 403 -22.26 -26.71 25.88
N PRO A 404 -22.28 -27.06 27.18
CA PRO A 404 -22.17 -26.04 28.24
C PRO A 404 -20.83 -25.29 28.28
N ALA A 405 -19.83 -25.75 27.49
CA ALA A 405 -18.48 -25.20 27.38
C ALA A 405 -18.47 -23.83 26.72
N HIS A 406 -19.18 -23.68 25.59
CA HIS A 406 -19.25 -22.42 24.86
C HIS A 406 -19.83 -21.34 25.74
N ARG A 407 -20.89 -21.66 26.53
CA ARG A 407 -21.48 -20.73 27.48
C ARG A 407 -20.44 -20.34 28.53
N ALA A 408 -19.76 -21.35 29.15
CA ALA A 408 -18.70 -21.20 30.16
C ALA A 408 -17.57 -20.30 29.68
N GLY A 409 -17.18 -20.47 28.40
CA GLY A 409 -16.15 -19.65 27.77
C GLY A 409 -16.63 -18.22 27.68
N ALA A 410 -17.84 -18.05 27.14
CA ALA A 410 -18.51 -16.77 26.99
C ALA A 410 -18.72 -16.09 28.35
N ALA A 411 -18.91 -16.91 29.42
CA ALA A 411 -19.07 -16.47 30.80
C ALA A 411 -17.77 -15.84 31.32
N ARG A 412 -16.60 -16.43 31.00
CA ARG A 412 -15.29 -15.91 31.39
C ARG A 412 -15.02 -14.55 30.73
N MET A 413 -15.23 -14.46 29.39
CA MET A 413 -15.07 -13.22 28.63
C MET A 413 -15.91 -12.11 29.27
N ARG A 414 -17.21 -12.37 29.51
CA ARG A 414 -18.15 -11.44 30.11
C ARG A 414 -17.60 -10.92 31.45
N ASP A 415 -17.13 -11.85 32.31
CA ASP A 415 -16.60 -11.57 33.63
C ASP A 415 -15.34 -10.73 33.54
N ASP A 416 -14.50 -10.96 32.51
CA ASP A 416 -13.29 -10.16 32.29
C ASP A 416 -13.65 -8.70 32.01
N MET A 417 -14.61 -8.51 31.11
CA MET A 417 -15.13 -7.23 30.66
C MET A 417 -15.82 -6.43 31.78
N LEU A 418 -16.63 -7.09 32.63
CA LEU A 418 -17.30 -6.40 33.73
C LEU A 418 -16.35 -6.00 34.85
N ALA A 419 -15.11 -6.52 34.84
CA ALA A 419 -14.05 -6.21 35.80
C ALA A 419 -13.20 -4.99 35.36
N GLU A 420 -13.39 -4.52 34.12
CA GLU A 420 -12.71 -3.35 33.56
C GLU A 420 -13.51 -2.10 33.92
N PRO A 421 -12.88 -0.90 34.04
CA PRO A 421 -13.65 0.30 34.43
C PRO A 421 -14.67 0.75 33.38
N SER A 422 -15.79 1.35 33.81
CA SER A 422 -16.81 1.86 32.91
C SER A 422 -16.29 3.12 32.23
N PRO A 423 -16.85 3.53 31.08
CA PRO A 423 -16.38 4.76 30.43
C PRO A 423 -16.38 5.95 31.40
N ALA A 424 -17.25 5.91 32.41
CA ALA A 424 -17.36 6.89 33.50
C ALA A 424 -16.07 6.95 34.30
N GLU A 425 -15.54 5.78 34.71
CA GLU A 425 -14.28 5.63 35.45
C GLU A 425 -13.07 5.92 34.58
N VAL A 426 -13.15 5.59 33.30
CA VAL A 426 -12.04 5.80 32.35
C VAL A 426 -11.77 7.30 32.19
N VAL A 427 -12.76 8.15 32.48
CA VAL A 427 -12.59 9.61 32.35
C VAL A 427 -11.47 10.08 33.33
N GLY A 428 -11.50 9.55 34.55
CA GLY A 428 -10.50 9.88 35.56
C GLY A 428 -9.13 9.34 35.20
N ILE A 429 -9.08 8.14 34.58
CA ILE A 429 -7.82 7.51 34.19
C ILE A 429 -7.20 8.35 33.06
N CYS A 430 -8.02 8.85 32.15
CA CYS A 430 -7.53 9.70 31.09
C CYS A 430 -7.05 11.00 31.71
N GLU A 431 -7.91 11.65 32.52
CA GLU A 431 -7.63 12.88 33.22
C GLU A 431 -6.23 12.83 33.86
N GLU A 432 -5.95 11.76 34.62
CA GLU A 432 -4.68 11.52 35.31
C GLU A 432 -3.54 11.32 34.34
N LEU A 433 -3.75 10.46 33.29
CA LEU A 433 -2.76 10.14 32.28
C LEU A 433 -2.36 11.35 31.51
N ALA A 434 -3.36 12.18 31.13
CA ALA A 434 -3.22 13.46 30.41
C ALA A 434 -2.27 14.38 31.13
N ALA A 435 -2.27 14.36 32.49
CA ALA A 435 -1.36 15.17 33.31
C ALA A 435 0.05 14.56 33.29
N GLY A 436 0.17 13.28 33.64
CA GLY A 436 1.42 12.53 33.69
C GLY A 436 1.53 11.59 34.88
N HIS B 20 14.81 23.69 -4.09
CA HIS B 20 13.88 24.67 -3.55
C HIS B 20 12.43 24.38 -3.98
N MET B 21 11.52 24.36 -2.97
CA MET B 21 10.06 24.18 -3.05
C MET B 21 9.45 24.12 -1.63
N THR B 22 8.27 24.75 -1.47
CA THR B 22 7.50 24.86 -0.23
C THR B 22 7.14 23.48 0.32
N THR B 23 7.02 23.39 1.67
CA THR B 23 6.68 22.14 2.38
C THR B 23 5.20 21.74 2.15
N THR B 24 4.40 22.65 1.55
CA THR B 24 2.98 22.45 1.23
C THR B 24 2.84 21.70 -0.11
N ASP B 25 3.54 22.17 -1.17
CA ASP B 25 3.48 21.55 -2.50
C ASP B 25 4.23 20.22 -2.45
N ARG B 26 5.30 20.17 -1.61
CA ARG B 26 6.11 19.00 -1.26
C ARG B 26 5.19 17.88 -0.74
N ALA B 27 4.32 18.24 0.23
CA ALA B 27 3.29 17.41 0.87
C ALA B 27 2.30 16.86 -0.16
N GLY B 28 1.91 17.72 -1.09
CA GLY B 28 0.98 17.39 -2.18
C GLY B 28 1.62 16.45 -3.17
N LEU B 29 2.92 16.69 -3.48
CA LEU B 29 3.70 15.85 -4.39
C LEU B 29 3.91 14.47 -3.76
N GLY B 30 4.37 14.44 -2.52
CA GLY B 30 4.60 13.20 -1.80
C GLY B 30 3.38 12.30 -1.80
N ARG B 31 2.21 12.91 -1.52
CA ARG B 31 0.92 12.23 -1.50
C ARG B 31 0.63 11.58 -2.88
N GLN B 32 0.96 12.29 -3.98
CA GLN B 32 0.76 11.83 -5.36
C GLN B 32 1.68 10.67 -5.69
N LEU B 33 2.97 10.80 -5.38
CA LEU B 33 3.94 9.75 -5.66
C LEU B 33 3.54 8.46 -4.92
N GLN B 34 3.08 8.63 -3.65
CA GLN B 34 2.68 7.51 -2.81
C GLN B 34 1.37 6.87 -3.27
N MET B 35 0.46 7.64 -3.89
CA MET B 35 -0.82 7.11 -4.38
C MET B 35 -0.60 6.23 -5.62
N ILE B 36 0.16 6.73 -6.62
CA ILE B 36 0.43 5.98 -7.85
C ILE B 36 1.10 4.64 -7.50
N ARG B 37 2.22 4.67 -6.72
CA ARG B 37 2.93 3.47 -6.28
C ARG B 37 1.97 2.51 -5.51
N GLY B 38 1.11 3.06 -4.67
CA GLY B 38 0.12 2.30 -3.91
C GLY B 38 -0.82 1.55 -4.82
N LEU B 39 -1.31 2.24 -5.87
CA LEU B 39 -2.20 1.67 -6.86
C LEU B 39 -1.43 0.69 -7.77
N HIS B 40 -0.18 1.03 -8.16
CA HIS B 40 0.67 0.12 -8.94
C HIS B 40 0.85 -1.19 -8.20
N TRP B 41 1.14 -1.14 -6.90
CA TRP B 41 1.35 -2.36 -6.13
C TRP B 41 0.05 -3.15 -5.97
N GLY B 42 -1.05 -2.46 -5.68
CA GLY B 42 -2.37 -3.07 -5.51
C GLY B 42 -2.80 -3.81 -6.77
N TYR B 43 -2.72 -3.12 -7.93
CA TYR B 43 -3.04 -3.66 -9.25
C TYR B 43 -2.13 -4.86 -9.55
N GLY B 44 -0.84 -4.69 -9.26
CA GLY B 44 0.21 -5.68 -9.44
C GLY B 44 0.03 -6.95 -8.63
N SER B 45 -0.21 -6.78 -7.32
CA SER B 45 -0.42 -7.91 -6.41
C SER B 45 -1.69 -8.67 -6.81
N ASN B 46 -2.72 -7.94 -7.31
CA ASN B 46 -3.99 -8.50 -7.76
C ASN B 46 -3.83 -9.35 -9.04
N GLY B 47 -2.78 -9.14 -9.84
CA GLY B 47 -2.59 -9.95 -11.03
C GLY B 47 -1.69 -9.42 -12.14
N ASP B 48 -2.01 -8.24 -12.68
CA ASP B 48 -1.32 -7.53 -13.76
C ASP B 48 0.22 -7.42 -13.50
N PRO B 49 1.08 -8.02 -14.36
CA PRO B 49 2.53 -8.05 -14.06
C PRO B 49 3.28 -6.75 -14.34
N TYR B 50 2.79 -5.92 -15.29
CA TYR B 50 3.43 -4.66 -15.64
C TYR B 50 3.53 -3.69 -14.40
N PRO B 51 2.48 -3.42 -13.60
CA PRO B 51 2.68 -2.52 -12.45
C PRO B 51 3.50 -3.17 -11.32
N MET B 52 3.48 -4.51 -11.17
CA MET B 52 4.27 -5.16 -10.10
C MET B 52 5.77 -5.03 -10.45
N LEU B 53 6.08 -5.05 -11.77
CA LEU B 53 7.42 -4.83 -12.32
C LEU B 53 7.81 -3.38 -12.07
N LEU B 54 6.87 -2.45 -12.32
CA LEU B 54 7.03 -1.01 -12.12
C LEU B 54 7.43 -0.64 -10.71
N CYS B 55 7.06 -1.45 -9.71
CA CYS B 55 7.43 -1.21 -8.31
C CYS B 55 8.89 -1.58 -8.07
N GLY B 56 9.35 -2.59 -8.82
CA GLY B 56 10.71 -3.09 -8.74
C GLY B 56 11.18 -3.52 -7.36
N HIS B 57 10.26 -4.14 -6.58
CA HIS B 57 10.51 -4.68 -5.25
C HIS B 57 11.49 -5.90 -5.30
N ASP B 58 11.56 -6.57 -6.46
CA ASP B 58 12.42 -7.72 -6.73
C ASP B 58 13.68 -7.28 -7.42
N ASP B 59 14.74 -8.09 -7.36
CA ASP B 59 16.00 -7.85 -8.06
C ASP B 59 16.02 -8.69 -9.36
N ASP B 60 15.18 -9.75 -9.42
CA ASP B 60 15.11 -10.61 -10.60
C ASP B 60 13.76 -10.43 -11.33
N PRO B 61 13.78 -9.85 -12.55
CA PRO B 61 12.53 -9.60 -13.29
C PRO B 61 12.25 -10.58 -14.42
N GLN B 62 13.16 -11.56 -14.63
CA GLN B 62 13.15 -12.52 -15.73
C GLN B 62 11.95 -13.45 -15.90
N ARG B 63 11.23 -13.77 -14.83
CA ARG B 63 10.01 -14.57 -14.90
C ARG B 63 8.80 -13.74 -15.42
N ARG B 64 8.75 -12.44 -15.03
CA ARG B 64 7.73 -11.47 -15.45
C ARG B 64 7.94 -11.18 -16.92
N TYR B 65 9.20 -11.16 -17.38
CA TYR B 65 9.54 -10.91 -18.78
C TYR B 65 9.12 -12.09 -19.67
N ARG B 66 9.19 -13.33 -19.14
CA ARG B 66 8.78 -14.54 -19.85
C ARG B 66 7.27 -14.47 -20.07
N SER B 67 6.51 -14.15 -19.01
CA SER B 67 5.06 -13.99 -19.00
C SER B 67 4.60 -12.84 -19.92
N MET B 68 5.41 -11.78 -20.01
CA MET B 68 5.10 -10.62 -20.84
C MET B 68 5.32 -10.94 -22.31
N ARG B 69 6.38 -11.73 -22.61
CA ARG B 69 6.70 -12.20 -23.96
C ARG B 69 5.69 -13.24 -24.41
N GLU B 70 5.36 -14.20 -23.51
CA GLU B 70 4.38 -15.27 -23.73
C GLU B 70 3.05 -14.67 -24.25
N SER B 71 2.60 -13.55 -23.64
CA SER B 71 1.39 -12.83 -24.03
C SER B 71 1.58 -12.08 -25.35
N GLY B 72 2.75 -11.44 -25.53
CA GLY B 72 3.08 -10.69 -26.74
C GLY B 72 2.74 -9.21 -26.62
N VAL B 73 1.43 -8.90 -26.64
CA VAL B 73 0.81 -7.57 -26.43
C VAL B 73 -0.42 -7.80 -25.54
N ARG B 74 -0.57 -6.94 -24.53
CA ARG B 74 -1.65 -6.96 -23.56
C ARG B 74 -1.69 -5.55 -22.99
N ARG B 75 -2.86 -4.96 -22.79
CA ARG B 75 -2.84 -3.64 -22.16
C ARG B 75 -3.09 -3.87 -20.64
N SER B 76 -2.36 -3.15 -19.77
CA SER B 76 -2.42 -3.29 -18.31
C SER B 76 -3.73 -2.82 -17.63
N ARG B 77 -3.68 -2.66 -16.29
CA ARG B 77 -4.80 -2.14 -15.51
C ARG B 77 -4.83 -0.64 -15.73
N THR B 78 -3.67 -0.07 -15.88
CA THR B 78 -3.61 1.27 -16.35
C THR B 78 -3.87 1.11 -17.82
N GLU B 79 -4.06 2.20 -18.51
CA GLU B 79 -4.37 2.17 -19.93
C GLU B 79 -3.37 1.44 -20.85
N THR B 80 -2.14 1.50 -20.38
CA THR B 80 -0.96 1.08 -21.12
C THR B 80 -0.82 -0.26 -21.84
N TRP B 81 -0.26 -0.20 -23.05
CA TRP B 81 -0.01 -1.39 -23.88
C TRP B 81 1.40 -1.92 -23.64
N VAL B 82 1.51 -3.21 -23.29
CA VAL B 82 2.76 -3.86 -22.90
C VAL B 82 3.24 -4.78 -24.04
N VAL B 83 4.29 -4.33 -24.71
CA VAL B 83 4.86 -5.01 -25.88
C VAL B 83 6.20 -5.63 -25.51
N ALA B 84 6.24 -6.96 -25.36
CA ALA B 84 7.48 -7.68 -25.01
C ALA B 84 7.88 -8.65 -26.13
N ASP B 85 6.93 -9.09 -26.99
CA ASP B 85 7.29 -9.97 -28.11
C ASP B 85 8.22 -9.20 -29.03
N HIS B 86 9.46 -9.72 -29.24
CA HIS B 86 10.52 -9.12 -30.05
C HIS B 86 10.00 -8.71 -31.44
N ALA B 87 9.09 -9.51 -32.03
CA ALA B 87 8.45 -9.25 -33.31
C ALA B 87 7.64 -7.93 -33.27
N THR B 88 6.72 -7.80 -32.29
CA THR B 88 5.89 -6.60 -32.10
C THR B 88 6.71 -5.43 -31.46
N ALA B 89 7.76 -5.75 -30.64
CA ALA B 89 8.64 -4.77 -29.98
C ALA B 89 9.38 -3.94 -31.02
N ARG B 90 9.94 -4.62 -32.04
CA ARG B 90 10.64 -4.00 -33.16
C ARG B 90 9.64 -3.25 -34.01
N GLN B 91 8.46 -3.86 -34.22
CA GLN B 91 7.35 -3.32 -35.02
C GLN B 91 6.98 -1.89 -34.55
N VAL B 92 6.82 -1.70 -33.23
CA VAL B 92 6.42 -0.41 -32.70
C VAL B 92 7.61 0.58 -32.59
N LEU B 93 8.82 0.11 -32.20
CA LEU B 93 10.02 0.96 -32.09
C LEU B 93 10.39 1.60 -33.43
N ASP B 94 10.09 0.89 -34.55
CA ASP B 94 10.36 1.31 -35.92
C ASP B 94 9.24 2.20 -36.48
N ASP B 95 7.99 2.02 -36.00
CA ASP B 95 6.85 2.82 -36.43
C ASP B 95 7.02 4.28 -35.94
N PRO B 96 6.77 5.31 -36.79
CA PRO B 96 7.03 6.69 -36.37
C PRO B 96 5.93 7.35 -35.54
N ALA B 97 4.69 6.81 -35.54
CA ALA B 97 3.54 7.36 -34.78
C ALA B 97 3.81 7.32 -33.28
N PHE B 98 4.42 6.20 -32.83
CA PHE B 98 4.85 5.96 -31.47
C PHE B 98 6.06 6.86 -31.21
N THR B 99 5.91 7.83 -30.28
CA THR B 99 6.94 8.83 -29.95
C THR B 99 7.06 8.98 -28.41
N ARG B 100 8.15 9.63 -27.93
CA ARG B 100 8.46 9.83 -26.50
C ARG B 100 7.87 11.15 -25.92
N ALA B 101 6.75 11.63 -26.48
CA ALA B 101 6.09 12.88 -26.07
C ALA B 101 5.03 12.67 -24.96
N THR B 102 4.44 13.78 -24.48
CA THR B 102 3.40 13.81 -23.44
C THR B 102 2.09 13.26 -24.07
N GLY B 103 1.66 12.11 -23.58
CA GLY B 103 0.43 11.47 -24.04
C GLY B 103 -0.81 12.02 -23.38
N ARG B 104 -1.73 11.13 -23.00
CA ARG B 104 -2.99 11.45 -22.34
C ARG B 104 -3.06 10.93 -20.90
N THR B 105 -3.76 11.66 -20.01
CA THR B 105 -3.91 11.22 -18.61
C THR B 105 -5.00 10.14 -18.45
N PRO B 106 -4.65 8.92 -17.99
CA PRO B 106 -5.67 7.87 -17.81
C PRO B 106 -6.57 8.25 -16.63
N GLU B 107 -7.88 7.91 -16.72
CA GLU B 107 -8.89 8.24 -15.70
C GLU B 107 -8.50 7.84 -14.28
N TRP B 108 -7.86 6.66 -14.08
CA TRP B 108 -7.51 6.22 -12.73
C TRP B 108 -6.56 7.21 -12.05
N MET B 109 -5.58 7.77 -12.80
CA MET B 109 -4.59 8.71 -12.29
C MET B 109 -5.18 10.05 -11.86
N ARG B 110 -6.02 10.69 -12.72
CA ARG B 110 -6.63 11.96 -12.36
C ARG B 110 -7.65 11.78 -11.25
N ALA B 111 -8.31 10.60 -11.21
CA ALA B 111 -9.29 10.25 -10.18
C ALA B 111 -8.57 10.00 -8.86
N ALA B 112 -7.33 9.45 -8.94
CA ALA B 112 -6.43 9.21 -7.81
C ALA B 112 -5.89 10.53 -7.29
N GLY B 113 -5.95 11.56 -8.15
CA GLY B 113 -5.50 12.92 -7.86
C GLY B 113 -4.04 13.15 -8.14
N ALA B 114 -3.47 12.36 -9.05
CA ALA B 114 -2.06 12.45 -9.39
C ALA B 114 -1.88 12.47 -10.90
N PRO B 115 -2.13 13.64 -11.56
CA PRO B 115 -1.93 13.71 -13.01
C PRO B 115 -0.43 13.55 -13.32
N PRO B 116 -0.05 12.78 -14.36
CA PRO B 116 1.38 12.59 -14.63
C PRO B 116 2.07 13.92 -14.92
N ALA B 117 1.30 14.87 -15.47
CA ALA B 117 1.72 16.23 -15.79
C ALA B 117 2.29 16.96 -14.57
N GLU B 118 2.05 16.40 -13.35
CA GLU B 118 2.46 16.93 -12.06
C GLU B 118 3.61 16.09 -11.43
N TRP B 119 3.35 14.83 -11.00
CA TRP B 119 4.35 13.96 -10.34
C TRP B 119 5.47 13.46 -11.27
N ALA B 120 5.18 13.34 -12.55
CA ALA B 120 6.16 12.86 -13.52
C ALA B 120 6.85 13.86 -14.43
N GLN B 121 6.44 15.10 -14.41
CA GLN B 121 6.71 16.00 -15.51
C GLN B 121 8.14 16.30 -15.92
N PRO B 122 9.03 16.59 -15.00
CA PRO B 122 10.39 16.91 -15.42
C PRO B 122 11.03 15.70 -16.08
N PHE B 123 10.81 14.57 -15.45
CA PHE B 123 11.37 13.29 -15.82
C PHE B 123 10.96 12.80 -17.22
N ARG B 124 9.70 13.04 -17.65
CA ARG B 124 9.24 12.62 -18.97
C ARG B 124 9.82 13.54 -20.08
N ASP B 125 10.22 14.78 -19.72
CA ASP B 125 10.86 15.72 -20.66
C ASP B 125 12.31 15.28 -20.88
N VAL B 126 12.92 14.61 -19.87
CA VAL B 126 14.29 14.07 -19.91
C VAL B 126 14.31 12.91 -20.90
N HIS B 127 13.34 11.98 -20.76
CA HIS B 127 13.18 10.84 -21.66
C HIS B 127 13.06 11.34 -23.11
N ALA B 128 12.24 12.38 -23.30
CA ALA B 128 11.97 13.05 -24.57
C ALA B 128 13.21 13.76 -25.16
N ALA B 129 14.18 14.20 -24.31
CA ALA B 129 15.36 14.94 -24.77
C ALA B 129 16.28 14.15 -25.72
N SER B 130 16.81 14.86 -26.73
CA SER B 130 17.71 14.34 -27.77
C SER B 130 19.07 15.04 -27.77
N TRP B 131 20.18 14.27 -27.74
CA TRP B 131 21.55 14.84 -27.76
C TRP B 131 22.14 14.71 -29.18
N GLU B 132 21.85 15.70 -30.05
CA GLU B 132 22.34 15.73 -31.41
C GLU B 132 23.65 16.54 -31.46
N GLY B 133 24.71 15.93 -30.92
CA GLY B 133 26.02 16.52 -30.85
C GLY B 133 27.06 15.51 -31.31
N GLU B 134 28.24 15.97 -31.68
CA GLU B 134 29.23 15.04 -32.17
C GLU B 134 29.62 14.07 -31.09
N VAL B 135 29.60 12.80 -31.41
CA VAL B 135 29.94 11.78 -30.44
C VAL B 135 31.33 11.29 -30.69
N PRO B 136 32.24 11.63 -29.80
CA PRO B 136 33.61 11.20 -29.99
C PRO B 136 33.73 9.79 -29.49
N ASP B 137 33.94 8.86 -30.40
CA ASP B 137 34.04 7.45 -30.08
C ASP B 137 35.48 7.08 -30.26
N VAL B 138 36.32 8.09 -30.20
CA VAL B 138 37.69 7.96 -30.62
C VAL B 138 38.40 6.87 -29.86
N GLY B 139 38.08 6.72 -28.59
CA GLY B 139 38.76 5.73 -27.80
C GLY B 139 39.96 6.48 -27.30
N GLU B 140 40.08 7.71 -27.77
CA GLU B 140 41.07 8.62 -27.22
C GLU B 140 40.75 8.87 -25.74
N LEU B 141 39.48 8.57 -25.37
CA LEU B 141 38.93 8.65 -24.03
C LEU B 141 39.60 7.65 -23.11
N ALA B 142 39.77 6.38 -23.58
CA ALA B 142 40.41 5.28 -22.86
C ALA B 142 41.85 5.60 -22.38
N GLU B 143 42.46 6.70 -22.91
CA GLU B 143 43.78 7.19 -22.50
C GLU B 143 43.69 7.81 -21.11
N SER B 144 42.67 8.70 -20.89
CA SER B 144 42.40 9.35 -19.61
C SER B 144 41.89 8.34 -18.59
N PHE B 145 41.02 7.42 -19.03
CA PHE B 145 40.37 6.38 -18.24
C PHE B 145 41.35 5.30 -17.72
N ALA B 146 42.60 5.22 -18.25
CA ALA B 146 43.61 4.21 -17.86
C ALA B 146 43.97 4.24 -16.35
N GLY B 147 44.51 5.37 -15.86
CA GLY B 147 44.91 5.54 -14.47
C GLY B 147 43.76 5.85 -13.52
N LEU B 148 42.93 4.83 -13.25
CA LEU B 148 41.78 4.98 -12.38
C LEU B 148 41.72 3.86 -11.35
N LEU B 149 41.75 2.59 -11.81
CA LEU B 149 41.74 1.44 -10.90
C LEU B 149 43.16 1.21 -10.33
N PRO B 150 43.37 1.34 -9.00
CA PRO B 150 44.72 1.15 -8.45
C PRO B 150 45.12 -0.34 -8.35
N GLY B 151 46.41 -0.60 -8.16
CA GLY B 151 46.96 -1.95 -8.06
C GLY B 151 46.55 -2.69 -6.79
N LEU B 158 32.77 -0.34 -7.39
CA LEU B 158 33.06 0.35 -8.64
C LEU B 158 31.97 1.36 -9.03
N VAL B 159 30.75 1.23 -8.45
CA VAL B 159 29.55 2.06 -8.71
C VAL B 159 29.89 3.58 -8.72
N GLY B 160 30.66 4.05 -7.74
CA GLY B 160 30.98 5.46 -7.66
C GLY B 160 32.45 5.81 -7.80
N ASP B 161 33.32 4.85 -7.47
CA ASP B 161 34.77 5.05 -7.51
C ASP B 161 35.37 4.85 -8.94
N PHE B 162 34.68 4.13 -9.85
CA PHE B 162 35.18 3.88 -11.20
C PHE B 162 34.11 4.10 -12.28
N ALA B 163 32.97 3.38 -12.18
CA ALA B 163 31.86 3.42 -13.13
C ALA B 163 31.28 4.83 -13.31
N TRP B 164 30.99 5.55 -12.20
CA TRP B 164 30.41 6.88 -12.26
C TRP B 164 31.50 7.90 -12.57
N GLN B 165 32.77 7.50 -12.41
CA GLN B 165 33.92 8.36 -12.67
C GLN B 165 34.16 8.49 -14.19
N VAL B 166 33.91 7.40 -14.93
CA VAL B 166 34.03 7.28 -16.39
C VAL B 166 33.18 8.33 -17.16
N PRO B 167 31.84 8.51 -16.97
CA PRO B 167 31.12 9.51 -17.77
C PRO B 167 31.53 10.95 -17.49
N VAL B 168 31.76 11.31 -16.20
CA VAL B 168 32.13 12.67 -15.77
C VAL B 168 33.41 13.17 -16.51
N GLN B 169 34.55 12.44 -16.35
CA GLN B 169 35.85 12.78 -16.96
C GLN B 169 35.81 12.68 -18.50
N GLY B 170 34.95 11.80 -19.01
CA GLY B 170 34.74 11.58 -20.43
C GLY B 170 33.98 12.70 -21.12
N MET B 171 32.87 13.15 -20.51
CA MET B 171 32.04 14.24 -21.02
C MET B 171 32.75 15.58 -20.83
N THR B 172 33.70 15.63 -19.87
CA THR B 172 34.55 16.80 -19.60
C THR B 172 35.56 16.95 -20.74
N ALA B 173 36.00 15.80 -21.35
CA ALA B 173 36.92 15.71 -22.50
C ALA B 173 36.15 15.29 -23.80
N VAL B 174 35.03 16.01 -24.07
CA VAL B 174 34.10 15.83 -25.19
C VAL B 174 34.79 16.19 -26.52
N VAL B 180 28.02 19.70 -15.80
CA VAL B 180 28.14 18.24 -15.78
C VAL B 180 28.96 17.78 -14.51
N LEU B 181 28.58 18.33 -13.32
CA LEU B 181 29.21 18.02 -12.03
C LEU B 181 28.78 16.63 -11.50
N ARG B 182 29.73 15.91 -10.87
CA ARG B 182 29.59 14.57 -10.29
C ARG B 182 28.29 14.41 -9.47
N GLY B 183 28.23 15.07 -8.31
CA GLY B 183 27.09 15.05 -7.40
C GLY B 183 25.75 15.42 -8.04
N ALA B 184 25.76 16.43 -8.95
CA ALA B 184 24.58 16.92 -9.67
C ALA B 184 23.96 15.81 -10.53
N ALA B 185 24.80 15.11 -11.32
CA ALA B 185 24.39 14.01 -12.19
C ALA B 185 23.88 12.82 -11.38
N TRP B 186 24.53 12.55 -10.23
CA TRP B 186 24.18 11.48 -9.28
C TRP B 186 22.76 11.67 -8.68
N ASP B 187 22.36 12.92 -8.40
CA ASP B 187 21.03 13.23 -7.85
C ASP B 187 19.93 13.04 -8.89
N ALA B 188 20.25 13.38 -10.15
CA ALA B 188 19.32 13.28 -11.27
C ALA B 188 19.19 11.88 -11.87
N ARG B 189 20.14 10.99 -11.53
CA ARG B 189 20.27 9.60 -12.01
C ARG B 189 18.98 8.74 -11.94
N VAL B 190 18.00 9.18 -11.16
CA VAL B 190 16.75 8.44 -10.96
C VAL B 190 15.68 8.92 -11.94
N SER B 191 15.94 10.05 -12.65
CA SER B 191 15.01 10.72 -13.57
C SER B 191 14.35 9.79 -14.59
N LEU B 192 15.12 8.89 -15.22
CA LEU B 192 14.52 8.01 -16.22
C LEU B 192 13.75 6.83 -15.60
N ASP B 193 13.68 6.72 -14.27
CA ASP B 193 12.85 5.71 -13.61
C ASP B 193 11.59 6.37 -13.13
N ALA B 194 11.79 7.61 -12.62
CA ALA B 194 10.79 8.50 -12.04
C ALA B 194 9.66 8.83 -13.03
N GLN B 195 9.93 8.74 -14.35
CA GLN B 195 8.98 9.00 -15.44
C GLN B 195 7.85 7.95 -15.50
N LEU B 196 8.11 6.72 -15.02
CA LEU B 196 7.15 5.61 -14.97
C LEU B 196 6.87 5.13 -13.56
N SER B 197 7.91 5.14 -12.70
CA SER B 197 7.84 4.66 -11.32
C SER B 197 8.09 5.78 -10.31
N PRO B 198 7.10 6.09 -9.45
CA PRO B 198 7.33 7.14 -8.43
C PRO B 198 8.44 6.74 -7.44
N GLN B 199 9.40 7.66 -7.24
CA GLN B 199 10.50 7.51 -6.30
C GLN B 199 10.07 8.11 -4.95
N GLN B 200 10.98 8.08 -3.95
CA GLN B 200 10.71 8.67 -2.64
C GLN B 200 10.63 10.20 -2.78
N LEU B 201 10.03 10.88 -1.77
CA LEU B 201 9.86 12.33 -1.85
C LEU B 201 11.20 13.07 -1.87
N ALA B 202 12.16 12.68 -0.98
CA ALA B 202 13.49 13.29 -0.93
C ALA B 202 14.27 12.98 -2.20
N VAL B 203 14.12 11.76 -2.73
CA VAL B 203 14.81 11.30 -3.93
C VAL B 203 14.24 12.07 -5.13
N THR B 204 12.91 12.24 -5.20
CA THR B 204 12.28 13.00 -6.29
C THR B 204 12.70 14.46 -6.17
N GLU B 205 12.75 15.00 -4.94
CA GLU B 205 13.10 16.38 -4.61
C GLU B 205 14.54 16.72 -5.07
N ALA B 206 15.50 15.85 -4.74
CA ALA B 206 16.92 16.04 -5.04
C ALA B 206 17.21 16.04 -6.53
N ALA B 207 16.43 15.25 -7.32
CA ALA B 207 16.59 15.16 -8.77
C ALA B 207 16.19 16.47 -9.43
N VAL B 208 14.95 16.96 -9.18
CA VAL B 208 14.37 18.20 -9.70
C VAL B 208 15.32 19.40 -9.48
N ALA B 209 15.97 19.46 -8.30
CA ALA B 209 16.91 20.52 -7.92
C ALA B 209 18.28 20.38 -8.64
N ALA B 210 18.65 19.16 -9.05
CA ALA B 210 19.93 18.89 -9.73
C ALA B 210 19.76 18.70 -11.24
N LEU B 211 18.51 18.70 -11.74
CA LEU B 211 18.17 18.51 -13.14
C LEU B 211 18.27 19.84 -13.95
N PRO B 212 19.24 19.92 -14.93
CA PRO B 212 19.38 21.16 -15.72
C PRO B 212 18.22 21.39 -16.70
N PRO B 215 17.92 20.27 -21.74
CA PRO B 215 18.10 20.10 -23.18
C PRO B 215 19.12 18.99 -23.46
N ALA B 216 20.29 19.34 -24.05
CA ALA B 216 21.39 18.44 -24.35
C ALA B 216 22.07 17.98 -23.07
N LEU B 217 22.38 18.93 -22.16
CA LEU B 217 22.99 18.70 -20.85
C LEU B 217 22.10 17.78 -20.02
N ARG B 218 20.76 18.01 -20.08
CA ARG B 218 19.73 17.20 -19.42
C ARG B 218 19.87 15.76 -19.93
N ALA B 219 19.87 15.58 -21.27
CA ALA B 219 20.04 14.30 -21.95
C ALA B 219 21.40 13.63 -21.67
N LEU B 220 22.45 14.46 -21.41
CA LEU B 220 23.80 13.97 -21.10
C LEU B 220 23.86 13.40 -19.70
N PHE B 221 23.12 14.01 -18.75
CA PHE B 221 23.01 13.55 -17.36
C PHE B 221 22.44 12.13 -17.40
N ALA B 222 21.38 11.92 -18.22
CA ALA B 222 20.70 10.64 -18.42
C ALA B 222 21.66 9.57 -18.96
N GLY B 223 22.43 9.92 -19.99
CA GLY B 223 23.44 9.04 -20.59
C GLY B 223 24.56 8.65 -19.65
N ALA B 224 24.87 9.55 -18.69
CA ALA B 224 25.89 9.34 -17.65
C ALA B 224 25.56 8.14 -16.77
N GLU B 225 24.27 8.01 -16.37
CA GLU B 225 23.79 6.88 -15.57
C GLU B 225 23.62 5.63 -16.44
N MET B 226 23.30 5.83 -17.73
CA MET B 226 23.14 4.74 -18.70
C MET B 226 24.51 4.07 -18.84
N THR B 227 25.58 4.89 -18.98
CA THR B 227 26.97 4.46 -19.10
C THR B 227 27.45 3.81 -17.82
N ALA B 228 27.10 4.42 -16.66
CA ALA B 228 27.49 4.00 -15.32
C ALA B 228 27.13 2.55 -15.00
N ASN B 229 25.86 2.12 -15.17
CA ASN B 229 25.45 0.74 -14.88
C ASN B 229 25.99 -0.24 -15.93
N THR B 230 26.20 0.24 -17.17
CA THR B 230 26.75 -0.57 -18.26
C THR B 230 28.17 -1.05 -17.83
N VAL B 231 28.98 -0.13 -17.26
CA VAL B 231 30.34 -0.42 -16.77
C VAL B 231 30.28 -1.49 -15.66
N VAL B 232 29.34 -1.34 -14.71
CA VAL B 232 29.15 -2.24 -13.57
C VAL B 232 28.73 -3.65 -14.05
N ASP B 233 27.69 -3.74 -14.89
CA ASP B 233 27.16 -4.99 -15.38
C ASP B 233 28.17 -5.74 -16.22
N ALA B 234 28.94 -5.01 -17.05
CA ALA B 234 30.00 -5.55 -17.90
C ALA B 234 31.13 -6.18 -17.08
N VAL B 235 31.69 -5.42 -16.11
CA VAL B 235 32.76 -5.89 -15.22
C VAL B 235 32.22 -7.08 -14.37
N LEU B 236 30.91 -7.09 -14.05
CA LEU B 236 30.25 -8.16 -13.28
C LEU B 236 30.11 -9.45 -14.11
N ALA B 237 29.76 -9.30 -15.41
CA ALA B 237 29.61 -10.40 -16.37
C ALA B 237 30.95 -10.98 -16.75
N VAL B 238 31.97 -10.10 -16.94
CA VAL B 238 33.35 -10.48 -17.29
C VAL B 238 33.93 -11.33 -16.14
N SER B 239 33.67 -10.88 -14.88
CA SER B 239 34.10 -11.48 -13.61
C SER B 239 33.69 -12.95 -13.47
N ALA B 240 32.49 -13.33 -13.97
CA ALA B 240 31.96 -14.69 -13.90
C ALA B 240 32.48 -15.58 -15.05
N GLU B 241 32.35 -15.13 -16.32
CA GLU B 241 32.79 -15.87 -17.51
C GLU B 241 34.30 -16.16 -17.45
N PRO B 242 34.74 -17.39 -17.84
CA PRO B 242 36.18 -17.70 -17.75
C PRO B 242 36.99 -17.07 -18.88
N GLY B 243 36.43 -17.09 -20.10
CA GLY B 243 37.04 -16.53 -21.29
C GLY B 243 37.21 -15.03 -21.19
N LEU B 244 36.07 -14.28 -21.28
CA LEU B 244 35.96 -12.82 -21.24
C LEU B 244 36.97 -12.14 -20.31
N ALA B 245 37.25 -12.76 -19.13
CA ALA B 245 38.16 -12.30 -18.08
C ALA B 245 39.58 -11.97 -18.61
N GLU B 246 40.37 -13.00 -18.99
CA GLU B 246 41.71 -12.81 -19.50
C GLU B 246 41.72 -12.49 -21.02
N ARG B 247 40.57 -12.69 -21.71
CA ARG B 247 40.42 -12.46 -23.15
C ARG B 247 40.33 -10.97 -23.48
N ILE B 248 39.64 -10.16 -22.63
CA ILE B 248 39.47 -8.72 -22.82
C ILE B 248 40.84 -8.01 -22.81
N ALA B 249 41.80 -8.53 -22.01
CA ALA B 249 43.16 -8.02 -21.90
C ALA B 249 43.97 -8.24 -23.20
N ASP B 250 43.67 -9.32 -23.96
CA ASP B 250 44.36 -9.67 -25.21
C ASP B 250 44.12 -8.62 -26.30
N ASP B 251 42.85 -8.21 -26.53
CA ASP B 251 42.47 -7.22 -27.53
C ASP B 251 41.48 -6.19 -26.92
N PRO B 252 41.98 -5.07 -26.36
CA PRO B 252 41.08 -4.07 -25.77
C PRO B 252 40.52 -3.12 -26.83
N ALA B 255 35.78 -6.43 -25.10
CA ALA B 255 35.81 -5.67 -26.35
C ALA B 255 34.42 -5.04 -26.64
N GLN B 256 34.27 -4.32 -27.80
CA GLN B 256 33.00 -3.67 -28.22
C GLN B 256 31.85 -4.71 -28.30
N ARG B 257 32.23 -5.99 -28.50
CA ARG B 257 31.39 -7.19 -28.60
C ARG B 257 30.78 -7.53 -27.23
N THR B 258 31.58 -7.39 -26.15
CA THR B 258 31.16 -7.60 -24.76
C THR B 258 30.12 -6.52 -24.39
N VAL B 259 30.45 -5.24 -24.66
CA VAL B 259 29.58 -4.07 -24.43
C VAL B 259 28.25 -4.26 -25.20
N ALA B 260 28.32 -4.82 -26.44
CA ALA B 260 27.14 -5.11 -27.25
C ALA B 260 26.27 -6.17 -26.58
N GLU B 261 26.88 -7.32 -26.18
CA GLU B 261 26.20 -8.44 -25.54
C GLU B 261 25.64 -8.04 -24.17
N VAL B 262 26.38 -7.23 -23.40
CA VAL B 262 25.93 -6.75 -22.07
C VAL B 262 24.65 -5.91 -22.23
N LEU B 263 24.61 -4.97 -23.19
CA LEU B 263 23.45 -4.14 -23.44
C LEU B 263 22.28 -4.95 -24.06
N ARG B 264 22.43 -6.27 -24.16
CA ARG B 264 21.37 -7.14 -24.66
C ARG B 264 20.74 -7.78 -23.41
N LEU B 265 21.56 -8.34 -22.52
CA LEU B 265 21.10 -8.99 -21.29
C LEU B 265 20.76 -7.97 -20.19
N HIS B 266 21.37 -6.76 -20.28
CA HIS B 266 21.23 -5.66 -19.33
C HIS B 266 21.20 -4.31 -20.09
N PRO B 267 20.09 -3.97 -20.83
CA PRO B 267 20.07 -2.73 -21.62
C PRO B 267 20.13 -1.44 -20.79
N ALA B 268 20.35 -0.27 -21.45
CA ALA B 268 20.41 1.04 -20.78
C ALA B 268 19.06 1.35 -20.13
N LEU B 269 17.97 1.06 -20.90
CA LEU B 269 16.55 1.20 -20.54
C LEU B 269 15.87 -0.15 -20.78
N HIS B 270 15.31 -0.77 -19.74
CA HIS B 270 14.63 -2.07 -19.88
C HIS B 270 13.27 -1.85 -20.45
N LEU B 271 12.61 -0.77 -20.03
CA LEU B 271 11.30 -0.34 -20.50
C LEU B 271 11.47 0.89 -21.38
N GLU B 272 10.58 1.06 -22.36
CA GLU B 272 10.64 2.19 -23.28
C GLU B 272 9.25 2.80 -23.47
N ARG B 273 9.00 3.92 -22.73
CA ARG B 273 7.76 4.67 -22.77
C ARG B 273 7.62 5.40 -24.08
N ARG B 274 6.54 5.11 -24.79
CA ARG B 274 6.18 5.72 -26.06
C ARG B 274 4.70 6.08 -26.03
N THR B 275 4.25 6.93 -26.95
CA THR B 275 2.84 7.32 -27.02
C THR B 275 2.46 7.55 -28.51
N ALA B 276 1.27 7.04 -28.89
CA ALA B 276 0.74 7.12 -30.24
C ALA B 276 0.18 8.49 -30.52
N THR B 277 0.47 9.03 -31.72
CA THR B 277 -0.01 10.35 -32.16
C THR B 277 -1.30 10.14 -32.96
N ALA B 278 -1.30 9.10 -33.80
CA ALA B 278 -2.42 8.64 -34.63
C ALA B 278 -2.68 7.17 -34.30
N GLU B 279 -3.96 6.73 -34.39
CA GLU B 279 -4.37 5.36 -34.07
C GLU B 279 -3.57 4.32 -34.89
N VAL B 280 -2.99 3.31 -34.21
CA VAL B 280 -2.19 2.27 -34.88
C VAL B 280 -2.74 0.86 -34.62
N ARG B 281 -2.65 -0.02 -35.63
CA ARG B 281 -3.10 -1.42 -35.59
C ARG B 281 -1.89 -2.35 -35.42
N LEU B 282 -1.77 -2.97 -34.24
CA LEU B 282 -0.69 -3.88 -33.89
C LEU B 282 -1.28 -5.26 -33.48
N GLY B 283 -1.33 -6.18 -34.43
CA GLY B 283 -1.84 -7.51 -34.18
C GLY B 283 -3.29 -7.57 -33.78
N GLU B 284 -4.12 -6.77 -34.41
CA GLU B 284 -5.53 -6.86 -34.10
C GLU B 284 -5.92 -5.93 -32.99
N HIS B 285 -5.00 -5.08 -32.59
CA HIS B 285 -5.30 -4.18 -31.51
C HIS B 285 -5.26 -2.75 -31.96
N VAL B 286 -6.32 -2.02 -31.61
CA VAL B 286 -6.43 -0.60 -31.92
C VAL B 286 -5.79 0.18 -30.79
N ILE B 287 -4.73 0.94 -31.09
CA ILE B 287 -4.01 1.77 -30.13
C ILE B 287 -4.42 3.22 -30.45
N GLY B 288 -5.16 3.84 -29.54
CA GLY B 288 -5.67 5.20 -29.68
C GLY B 288 -4.62 6.29 -29.58
N GLU B 289 -5.01 7.52 -29.99
CA GLU B 289 -4.12 8.69 -29.91
C GLU B 289 -3.87 9.05 -28.44
N GLY B 290 -2.62 9.31 -28.09
CA GLY B 290 -2.26 9.64 -26.72
C GLY B 290 -2.30 8.46 -25.77
N GLU B 291 -2.57 7.23 -26.29
CA GLU B 291 -2.57 5.99 -25.51
C GLU B 291 -1.12 5.50 -25.39
N GLU B 292 -0.64 5.29 -24.15
CA GLU B 292 0.73 4.89 -23.85
C GLU B 292 1.02 3.44 -24.16
N VAL B 293 2.21 3.21 -24.70
CA VAL B 293 2.75 1.91 -25.04
C VAL B 293 4.13 1.82 -24.40
N VAL B 294 4.43 0.71 -23.71
CA VAL B 294 5.75 0.58 -23.10
C VAL B 294 6.41 -0.66 -23.68
N VAL B 295 7.55 -0.45 -24.35
CA VAL B 295 8.30 -1.51 -25.01
C VAL B 295 9.22 -2.15 -23.97
N VAL B 296 9.04 -3.45 -23.71
CA VAL B 296 9.82 -4.17 -22.70
C VAL B 296 11.06 -4.78 -23.41
N VAL B 297 12.05 -3.91 -23.63
CA VAL B 297 13.30 -4.12 -24.35
C VAL B 297 14.08 -5.31 -23.77
N ALA B 298 14.22 -5.40 -22.41
CA ALA B 298 14.96 -6.47 -21.73
C ALA B 298 14.34 -7.85 -21.96
N ALA B 299 12.97 -7.91 -22.08
CA ALA B 299 12.22 -9.14 -22.39
C ALA B 299 12.49 -9.52 -23.86
N ALA B 300 12.19 -8.58 -24.79
CA ALA B 300 12.40 -8.67 -26.22
C ALA B 300 13.79 -9.15 -26.55
N ASN B 301 14.82 -8.61 -25.87
CA ASN B 301 16.21 -8.98 -26.10
C ASN B 301 16.62 -10.37 -25.58
N ARG B 302 15.64 -11.23 -25.21
CA ARG B 302 15.88 -12.57 -24.70
C ARG B 302 14.78 -13.57 -25.20
N ASP B 303 14.18 -13.26 -26.39
CA ASP B 303 13.15 -14.08 -27.03
C ASP B 303 13.83 -15.39 -27.47
N PRO B 304 13.27 -16.56 -27.09
CA PRO B 304 13.89 -17.84 -27.46
C PRO B 304 13.88 -18.11 -28.96
N GLU B 305 12.89 -17.56 -29.67
CA GLU B 305 12.69 -17.67 -31.11
C GLU B 305 13.61 -16.74 -31.90
N VAL B 306 14.07 -15.63 -31.29
CA VAL B 306 14.92 -14.64 -31.96
C VAL B 306 16.42 -14.86 -31.61
N PHE B 307 16.76 -15.11 -30.33
CA PHE B 307 18.15 -15.33 -29.89
C PHE B 307 18.39 -16.75 -29.38
N ALA B 308 19.54 -17.34 -29.76
CA ALA B 308 19.98 -18.68 -29.33
C ALA B 308 20.64 -18.56 -27.96
N GLU B 309 20.17 -19.36 -26.96
CA GLU B 309 20.59 -19.31 -25.54
C GLU B 309 20.46 -17.83 -25.08
N PRO B 310 19.22 -17.28 -25.05
CA PRO B 310 19.09 -15.84 -24.79
C PRO B 310 19.57 -15.38 -23.41
N ASP B 311 19.19 -16.09 -22.34
CA ASP B 311 19.59 -15.70 -20.98
C ASP B 311 21.05 -16.11 -20.64
N ARG B 312 21.83 -16.54 -21.65
CA ARG B 312 23.23 -16.92 -21.51
C ARG B 312 24.14 -15.87 -22.14
N LEU B 313 25.20 -15.46 -21.42
CA LEU B 313 26.20 -14.51 -21.91
C LEU B 313 27.14 -15.19 -22.96
N ASP B 314 26.95 -14.82 -24.23
CA ASP B 314 27.75 -15.33 -25.34
C ASP B 314 28.33 -14.13 -26.08
N VAL B 315 29.64 -13.89 -25.91
CA VAL B 315 30.39 -12.79 -26.51
C VAL B 315 30.47 -12.98 -28.05
N ASP B 316 30.68 -14.22 -28.51
CA ASP B 316 30.77 -14.52 -29.93
C ASP B 316 29.46 -15.15 -30.44
N ARG B 317 28.39 -14.33 -30.51
CA ARG B 317 27.09 -14.80 -31.00
C ARG B 317 26.65 -14.03 -32.27
N PRO B 318 26.21 -14.79 -33.31
CA PRO B 318 25.74 -14.14 -34.56
C PRO B 318 24.52 -13.21 -34.38
N ASP B 319 23.67 -13.49 -33.35
CA ASP B 319 22.44 -12.77 -33.05
C ASP B 319 22.72 -11.32 -32.59
N ALA B 320 22.59 -10.40 -33.56
CA ALA B 320 22.81 -8.95 -33.41
C ALA B 320 21.56 -8.17 -33.83
N ASP B 321 20.38 -8.82 -33.71
CA ASP B 321 19.08 -8.24 -34.03
C ASP B 321 18.40 -7.68 -32.74
N ARG B 322 19.22 -7.28 -31.75
CA ARG B 322 18.81 -6.75 -30.46
C ARG B 322 18.23 -5.34 -30.60
N ALA B 323 17.03 -5.12 -30.02
CA ALA B 323 16.36 -3.82 -30.04
C ALA B 323 16.93 -2.94 -28.88
N LEU B 324 16.90 -1.60 -29.03
CA LEU B 324 17.47 -0.66 -28.06
C LEU B 324 16.73 0.70 -28.01
N SER B 325 17.41 1.73 -27.41
CA SER B 325 17.00 3.12 -27.15
C SER B 325 15.65 3.19 -26.44
N HIS B 330 13.94 6.69 -32.23
CA HIS B 330 14.01 7.98 -31.55
C HIS B 330 15.24 8.77 -31.99
N PRO B 331 15.08 10.08 -32.30
CA PRO B 331 16.24 10.88 -32.77
C PRO B 331 17.38 11.02 -31.75
N GLY B 332 18.54 11.44 -32.25
CA GLY B 332 19.73 11.65 -31.43
C GLY B 332 20.78 10.57 -31.57
N ARG B 333 21.89 10.72 -30.81
CA ARG B 333 23.02 9.78 -30.78
C ARG B 333 23.51 9.50 -29.34
N LEU B 334 22.60 9.59 -28.32
CA LEU B 334 22.95 9.36 -26.91
C LEU B 334 23.40 7.91 -26.66
N GLU B 335 22.74 6.93 -27.32
CA GLU B 335 23.06 5.51 -27.20
C GLU B 335 24.47 5.29 -27.71
N GLU B 336 24.79 5.91 -28.87
CA GLU B 336 26.12 5.88 -29.49
C GLU B 336 27.20 6.50 -28.56
N LEU B 337 26.82 7.51 -27.75
CA LEU B 337 27.70 8.19 -26.79
C LEU B 337 28.07 7.28 -25.63
N VAL B 338 27.07 6.60 -25.01
CA VAL B 338 27.24 5.72 -23.85
C VAL B 338 28.07 4.48 -24.25
N THR B 339 27.73 3.83 -25.38
CA THR B 339 28.43 2.65 -25.91
C THR B 339 29.95 2.92 -26.06
N ALA B 340 30.30 4.19 -26.39
CA ALA B 340 31.66 4.67 -26.57
C ALA B 340 32.35 4.88 -25.22
N LEU B 341 31.63 5.51 -24.25
CA LEU B 341 32.15 5.77 -22.92
C LEU B 341 32.38 4.44 -22.19
N ALA B 342 31.47 3.48 -22.39
CA ALA B 342 31.54 2.14 -21.81
C ALA B 342 32.61 1.31 -22.52
N THR B 343 32.75 1.43 -23.88
CA THR B 343 33.75 0.68 -24.66
C THR B 343 35.17 1.11 -24.25
N ALA B 344 35.40 2.44 -24.16
CA ALA B 344 36.67 3.04 -23.73
C ALA B 344 37.02 2.56 -22.31
N ALA B 345 36.02 2.57 -21.39
CA ALA B 345 36.09 2.13 -20.00
C ALA B 345 36.51 0.65 -19.86
N LEU B 346 35.83 -0.27 -20.60
CA LEU B 346 36.09 -1.72 -20.55
C LEU B 346 37.52 -2.03 -21.01
N ARG B 347 38.01 -1.33 -22.05
CA ARG B 347 39.36 -1.47 -22.62
C ARG B 347 40.46 -0.99 -21.65
N ALA B 348 40.21 0.13 -20.94
CA ALA B 348 41.15 0.73 -19.97
C ALA B 348 41.38 -0.22 -18.77
N ALA B 349 40.29 -0.85 -18.26
CA ALA B 349 40.29 -1.78 -17.13
C ALA B 349 40.55 -3.25 -17.55
N ALA B 350 41.12 -3.45 -18.77
CA ALA B 350 41.46 -4.79 -19.28
C ALA B 350 42.58 -5.44 -18.45
N LYS B 351 43.45 -4.60 -17.85
CA LYS B 351 44.58 -5.03 -17.02
C LYS B 351 44.12 -5.65 -15.69
N ALA B 352 43.17 -5.01 -14.98
CA ALA B 352 42.67 -5.46 -13.68
C ALA B 352 41.63 -6.60 -13.75
N LEU B 353 40.89 -6.71 -14.89
CA LEU B 353 39.84 -7.71 -15.15
C LEU B 353 40.19 -9.17 -14.68
N PRO B 354 41.37 -9.79 -14.96
CA PRO B 354 41.59 -11.16 -14.45
C PRO B 354 42.05 -11.16 -12.99
N GLY B 360 32.26 -8.70 -1.72
CA GLY B 360 31.15 -8.08 -1.00
C GLY B 360 29.77 -8.29 -1.63
N PRO B 361 28.66 -7.88 -0.96
CA PRO B 361 27.33 -8.10 -1.56
C PRO B 361 26.87 -6.97 -2.49
N VAL B 362 26.45 -7.32 -3.73
CA VAL B 362 26.02 -6.30 -4.70
C VAL B 362 24.53 -5.86 -4.45
N VAL B 363 24.38 -4.61 -3.96
CA VAL B 363 23.11 -3.93 -3.67
C VAL B 363 22.66 -3.15 -4.92
N ARG B 364 21.40 -3.34 -5.37
CA ARG B 364 20.89 -2.65 -6.56
C ARG B 364 19.77 -1.70 -6.20
N ARG B 365 19.58 -0.61 -6.98
CA ARG B 365 18.54 0.40 -6.72
C ARG B 365 17.18 -0.31 -6.85
N ARG B 366 16.36 -0.17 -5.79
CA ARG B 366 15.08 -0.85 -5.66
C ARG B 366 13.80 -0.17 -6.29
N ARG B 367 13.97 0.98 -6.95
CA ARG B 367 12.75 1.55 -7.56
C ARG B 367 13.07 1.86 -9.01
N SER B 368 13.88 1.00 -9.67
CA SER B 368 14.34 1.26 -11.03
C SER B 368 13.83 0.21 -12.08
N PRO B 369 12.52 0.18 -12.42
CA PRO B 369 12.05 -0.79 -13.42
C PRO B 369 12.51 -0.51 -14.88
N VAL B 370 12.89 0.77 -15.18
CA VAL B 370 13.35 1.25 -16.51
C VAL B 370 14.85 0.93 -16.66
N LEU B 371 15.70 1.79 -16.11
CA LEU B 371 17.13 1.54 -16.08
C LEU B 371 17.33 0.77 -14.77
N ARG B 372 18.12 -0.31 -14.73
CA ARG B 372 18.23 -1.04 -13.45
C ARG B 372 19.63 -0.86 -12.85
N GLY B 373 19.76 0.25 -12.12
CA GLY B 373 21.01 0.68 -11.51
C GLY B 373 21.49 -0.09 -10.30
N THR B 374 22.81 -0.03 -10.08
CA THR B 374 23.52 -0.61 -8.94
C THR B 374 23.94 0.58 -8.05
N ASN B 375 23.89 0.40 -6.71
CA ASN B 375 24.28 1.45 -5.77
C ASN B 375 25.62 1.12 -5.07
N ARG B 376 25.90 -0.19 -4.83
CA ARG B 376 27.11 -0.67 -4.16
C ARG B 376 27.72 -1.91 -4.88
N CYS B 377 28.96 -1.77 -5.40
CA CYS B 377 29.62 -2.86 -6.12
C CYS B 377 31.01 -3.15 -5.51
N PRO B 378 31.07 -3.92 -4.39
CA PRO B 378 32.37 -4.27 -3.83
C PRO B 378 32.92 -5.60 -4.43
N VAL B 379 34.25 -5.77 -4.58
CA VAL B 379 35.36 -4.86 -4.29
C VAL B 379 36.46 -5.08 -5.39
N GLU B 380 37.69 -5.50 -4.99
CA GLU B 380 38.82 -5.72 -5.91
C GLU B 380 38.96 -7.18 -6.34
#